data_2HJB
#
_entry.id   2HJB
#
_cell.length_a   91.331
_cell.length_b   96.602
_cell.length_c   119.672
_cell.angle_alpha   90.000
_cell.angle_beta   90.000
_cell.angle_gamma   90.000
#
_symmetry.space_group_name_H-M   'P 21 21 21'
#
loop_
_entity.id
_entity.type
_entity.pdbx_description
1 polymer 'Aromatic amine dehydrogenase'
2 polymer 'Aromatic amine dehydrogenase'
3 non-polymer 1-(4-METHOXYPHENYL)METHANAMINE
4 water water
#
loop_
_entity_poly.entity_id
_entity_poly.type
_entity_poly.pdbx_seq_one_letter_code
_entity_poly.pdbx_strand_id
1 'polypeptide(L)'
;AGGGGSSSGADHISLNPDLANEDEVNSCDYWRHCAVDGFLCSCCGGTTTTCPPGSTPSPIS(TRQ)IGTCHNPHDGKDYL
ISYHDCCGKTACGRCQCNTQTRERPGYEFFLHNDVNWCMANENSTFHCTTSVLVGLAKN
;
D,H
2 'polypeptide(L)'
;REVLTGGHSVSAPQENRIYVMDSVFMHLTESRVHVYDYTNGKFLGMVPTAFNGHVQVSNDGKKIYTMTTYHERITRGKRS
DVVEVWDADKLTFEKEISLPPKRVQGLNYDGLFRQTTDGKFIVLQNASPATSIGIVDVAKGDYVEDVTAAAGCWSVIPQP
NRPRSFMTICGDGGLLTINLGEDGKVASQSRSKQMFSVKDDPIFIAPALDKDKAHFVSYYGNVYSADFSGDEVKVDGPWS
LLNDEDKAKNWVPGGYNLVGLHRASGRMYVFMHPDGKEGTHKFPAAEIWVMDTKTKQRVARIPGRDALSMTIDQQRNLML
TLDGGNVNVYDISQPEPKLLRTIEGAAEASLQVQFHPVGGT
;
A,B
#
# COMPACT_ATOMS: atom_id res chain seq x y z
N GLU A 24 19.32 -21.36 2.38
CA GLU A 24 18.23 -22.39 2.50
C GLU A 24 17.10 -21.94 3.42
N VAL A 25 17.42 -21.26 4.52
CA VAL A 25 16.37 -20.80 5.45
C VAL A 25 15.49 -19.69 4.85
N ASN A 26 15.95 -19.05 3.77
CA ASN A 26 15.16 -18.04 3.08
C ASN A 26 14.17 -18.63 2.08
N SER A 27 14.18 -19.94 1.95
CA SER A 27 13.26 -20.63 1.08
C SER A 27 12.00 -20.99 1.87
N CYS A 28 10.85 -20.84 1.22
CA CYS A 28 9.58 -21.25 1.79
C CYS A 28 9.52 -22.76 1.97
N ASP A 29 10.28 -23.49 1.16
CA ASP A 29 10.43 -24.95 1.30
C ASP A 29 11.30 -25.41 2.46
N TYR A 30 11.97 -24.50 3.15
CA TYR A 30 12.72 -24.88 4.35
C TYR A 30 11.79 -25.54 5.33
N TRP A 31 12.24 -26.64 5.91
CA TRP A 31 11.35 -27.54 6.65
C TRP A 31 10.69 -26.90 7.87
N ARG A 32 11.38 -25.99 8.52
CA ARG A 32 10.82 -25.30 9.69
C ARG A 32 9.67 -24.35 9.32
N HIS A 33 9.60 -23.95 8.05
CA HIS A 33 8.61 -22.96 7.62
C HIS A 33 7.29 -23.60 7.15
N CYS A 34 6.96 -24.79 7.65
CA CYS A 34 5.88 -25.58 7.07
C CYS A 34 4.45 -25.02 7.35
N ALA A 35 4.31 -24.13 8.32
CA ALA A 35 3.03 -23.46 8.58
C ALA A 35 3.16 -21.94 8.66
N VAL A 36 4.07 -21.38 7.87
CA VAL A 36 4.23 -19.94 7.81
C VAL A 36 3.26 -19.37 6.78
N ASP A 37 2.47 -18.40 7.22
CA ASP A 37 1.70 -17.57 6.30
C ASP A 37 2.15 -16.15 6.61
N GLY A 38 3.15 -15.70 5.87
CA GLY A 38 3.72 -14.37 6.11
C GLY A 38 5.06 -14.18 5.43
N PHE A 39 5.82 -13.18 5.89
CA PHE A 39 7.17 -12.89 5.36
C PHE A 39 8.23 -13.45 6.31
N LEU A 40 9.22 -14.15 5.77
CA LEU A 40 10.30 -14.69 6.63
C LEU A 40 11.17 -13.56 7.14
N CYS A 41 11.32 -13.45 8.45
CA CYS A 41 12.14 -12.40 9.05
C CYS A 41 13.59 -12.45 8.59
N SER A 42 14.05 -13.64 8.22
CA SER A 42 15.42 -13.84 7.74
C SER A 42 15.70 -13.10 6.44
N CYS A 43 14.64 -12.73 5.72
CA CYS A 43 14.74 -11.88 4.53
C CYS A 43 14.50 -10.40 4.81
N CYS A 44 14.23 -10.08 6.06
CA CYS A 44 13.73 -8.77 6.46
C CYS A 44 14.69 -8.05 7.41
N GLY A 45 15.93 -8.53 7.45
CA GLY A 45 16.93 -7.95 8.32
C GLY A 45 17.00 -8.62 9.69
N GLY A 46 16.21 -9.66 9.89
CA GLY A 46 16.30 -10.48 11.10
C GLY A 46 16.84 -11.84 10.70
N THR A 47 16.54 -12.84 11.50
CA THR A 47 16.98 -14.19 11.23
C THR A 47 15.81 -15.07 11.54
N THR A 48 15.95 -16.37 11.27
CA THR A 48 14.87 -17.33 11.57
C THR A 48 14.31 -17.18 13.00
N THR A 49 15.13 -16.72 13.93
CA THR A 49 14.76 -16.66 15.34
C THR A 49 14.91 -15.27 15.99
N THR A 50 15.18 -14.24 15.20
CA THR A 50 15.28 -12.86 15.74
C THR A 50 14.49 -11.85 14.89
N CYS A 51 13.91 -10.87 15.56
CA CYS A 51 13.15 -9.83 14.85
C CYS A 51 14.08 -8.82 14.18
N PRO A 52 13.69 -8.34 13.01
CA PRO A 52 14.52 -7.24 12.50
C PRO A 52 14.57 -6.10 13.52
N PRO A 53 15.60 -5.22 13.43
CA PRO A 53 15.67 -4.06 14.30
C PRO A 53 14.35 -3.24 14.32
N GLY A 54 13.88 -2.93 15.52
CA GLY A 54 12.72 -2.05 15.71
C GLY A 54 11.38 -2.71 15.53
N SER A 55 11.38 -4.03 15.42
CA SER A 55 10.16 -4.80 15.36
C SER A 55 10.15 -5.63 16.62
N THR A 56 8.95 -5.79 17.17
CA THR A 56 8.74 -6.31 18.52
C THR A 56 8.20 -7.74 18.39
N PRO A 57 8.79 -8.72 19.11
CA PRO A 57 8.27 -10.09 19.11
C PRO A 57 6.86 -10.20 19.71
N SER A 58 6.02 -11.03 19.11
CA SER A 58 4.73 -11.35 19.72
C SER A 58 4.94 -12.35 20.86
N PRO A 59 4.23 -12.13 21.98
CA PRO A 59 4.33 -13.08 23.09
C PRO A 59 3.57 -14.38 22.82
N ILE A 60 2.58 -14.31 21.93
CA ILE A 60 1.77 -15.46 21.52
C ILE A 60 2.03 -15.82 20.05
N SER A 61 1.50 -16.96 19.61
CA SER A 61 1.74 -17.47 18.27
C SER A 61 0.90 -18.70 17.99
N ILE A 63 1.26 -22.53 16.33
CA ILE A 63 2.34 -23.50 16.34
C ILE A 63 2.17 -24.45 15.19
N GLY A 64 3.31 -24.84 14.60
CA GLY A 64 3.36 -25.76 13.49
C GLY A 64 4.04 -27.06 13.90
N THR A 65 3.66 -28.16 13.26
CA THR A 65 4.32 -29.44 13.41
C THR A 65 4.95 -29.81 12.09
N CYS A 66 6.28 -29.70 12.02
CA CYS A 66 6.99 -29.85 10.76
C CYS A 66 7.95 -31.01 10.81
N HIS A 67 8.03 -31.74 9.71
CA HIS A 67 8.92 -32.89 9.60
C HIS A 67 10.34 -32.46 9.25
N ASN A 68 11.30 -32.87 10.08
CA ASN A 68 12.70 -32.65 9.78
C ASN A 68 13.23 -33.73 8.84
N PRO A 69 13.62 -33.35 7.61
CA PRO A 69 14.01 -34.39 6.65
C PRO A 69 15.38 -35.01 6.97
N HIS A 70 16.17 -34.34 7.80
CA HIS A 70 17.52 -34.80 8.11
C HIS A 70 17.50 -35.97 9.09
N ASP A 71 16.78 -35.82 10.20
CA ASP A 71 16.73 -36.85 11.24
C ASP A 71 15.45 -37.67 11.17
N GLY A 72 14.58 -37.35 10.22
CA GLY A 72 13.33 -38.08 10.03
C GLY A 72 12.30 -37.88 11.12
N LYS A 73 12.43 -36.81 11.90
CA LYS A 73 11.52 -36.57 13.02
C LYS A 73 10.68 -35.29 12.86
N ASP A 74 9.58 -35.24 13.60
CA ASP A 74 8.65 -34.13 13.52
C ASP A 74 8.76 -33.24 14.75
N TYR A 75 8.92 -31.94 14.51
CA TYR A 75 9.19 -30.97 15.56
C TYR A 75 8.10 -29.90 15.65
N LEU A 76 7.83 -29.46 16.86
CA LEU A 76 6.98 -28.32 17.10
C LEU A 76 7.77 -27.04 16.84
N ILE A 77 7.22 -26.19 15.96
CA ILE A 77 7.81 -24.92 15.60
C ILE A 77 6.85 -23.80 16.04
N SER A 78 7.37 -22.83 16.78
CA SER A 78 6.58 -21.69 17.20
C SER A 78 6.73 -20.54 16.20
N TYR A 79 5.61 -20.00 15.74
CA TYR A 79 5.68 -18.94 14.72
C TYR A 79 5.37 -17.57 15.31
N HIS A 80 6.32 -17.08 16.10
CA HIS A 80 6.20 -15.76 16.69
C HIS A 80 6.43 -14.70 15.64
N ASP A 81 5.46 -13.82 15.50
CA ASP A 81 5.59 -12.72 14.59
C ASP A 81 6.39 -11.63 15.22
N CYS A 82 6.97 -10.80 14.36
CA CYS A 82 7.58 -9.52 14.75
C CYS A 82 6.62 -8.42 14.31
N CYS A 83 6.42 -7.46 15.22
CA CYS A 83 5.29 -6.52 15.12
C CYS A 83 5.67 -5.06 15.29
N GLY A 84 4.77 -4.13 14.94
CA GLY A 84 5.03 -2.70 15.14
C GLY A 84 5.84 -2.03 14.05
N LYS A 85 6.05 -2.73 12.94
CA LYS A 85 6.50 -2.15 11.68
C LYS A 85 5.59 -2.68 10.56
N THR A 86 5.42 -1.88 9.52
CA THR A 86 4.61 -2.30 8.37
C THR A 86 5.27 -3.47 7.60
N ALA A 87 4.49 -4.06 6.69
CA ALA A 87 4.79 -5.34 6.07
C ALA A 87 6.18 -5.32 5.45
N CYS A 88 6.99 -6.32 5.78
CA CYS A 88 8.31 -6.44 5.21
C CYS A 88 8.26 -6.63 3.70
N GLY A 89 7.34 -7.46 3.24
CA GLY A 89 7.15 -7.67 1.81
C GLY A 89 8.16 -8.60 1.13
N ARG A 90 9.04 -9.24 1.90
CA ARG A 90 10.05 -10.08 1.32
C ARG A 90 9.87 -11.51 1.75
N CYS A 91 10.14 -12.42 0.84
CA CYS A 91 9.99 -13.85 1.11
C CYS A 91 8.64 -14.17 1.72
N GLN A 92 7.58 -13.85 0.99
CA GLN A 92 6.24 -14.24 1.42
C GLN A 92 6.06 -15.73 1.20
N CYS A 93 5.67 -16.41 2.27
CA CYS A 93 5.41 -17.84 2.24
C CYS A 93 4.01 -18.10 2.71
N ASN A 94 3.44 -19.17 2.18
CA ASN A 94 2.10 -19.63 2.52
C ASN A 94 2.17 -21.14 2.45
N THR A 95 2.39 -21.74 3.62
CA THR A 95 2.51 -23.18 3.75
C THR A 95 1.57 -23.59 4.86
N GLN A 96 0.93 -24.74 4.71
CA GLN A 96 -0.25 -25.06 5.49
C GLN A 96 -0.19 -26.48 6.07
N THR A 97 1.01 -27.02 6.17
CA THR A 97 1.20 -28.34 6.77
C THR A 97 0.65 -28.41 8.20
N ARG A 98 -0.34 -29.28 8.39
CA ARG A 98 -1.01 -29.49 9.70
C ARG A 98 -1.75 -28.27 10.32
N GLU A 99 -1.98 -27.25 9.50
CA GLU A 99 -2.63 -26.04 9.93
C GLU A 99 -4.12 -26.32 9.96
N ARG A 100 -4.80 -25.73 10.92
CA ARG A 100 -6.22 -26.02 11.17
C ARG A 100 -6.98 -24.73 11.39
N PRO A 101 -8.30 -24.74 11.17
CA PRO A 101 -9.06 -23.49 11.27
C PRO A 101 -9.10 -22.86 12.67
N GLY A 102 -9.83 -21.75 12.78
CA GLY A 102 -9.84 -20.96 14.01
C GLY A 102 -10.42 -21.64 15.24
N TYR A 103 -11.17 -22.72 15.05
CA TYR A 103 -11.69 -23.47 16.20
C TYR A 103 -10.61 -24.36 16.85
N GLU A 104 -9.44 -24.43 16.19
CA GLU A 104 -8.18 -24.94 16.76
C GLU A 104 -7.20 -23.77 16.66
N PHE A 105 -7.39 -22.79 17.53
CA PHE A 105 -6.93 -21.44 17.27
C PHE A 105 -5.41 -21.34 17.20
N PHE A 106 -4.72 -22.05 18.07
CA PHE A 106 -3.24 -21.98 18.10
C PHE A 106 -2.55 -22.92 17.11
N LEU A 107 -3.34 -23.51 16.21
CA LEU A 107 -2.82 -24.20 15.01
C LEU A 107 -3.17 -23.47 13.71
N HIS A 108 -3.79 -22.28 13.86
CA HIS A 108 -4.39 -21.53 12.76
C HIS A 108 -3.50 -20.35 12.36
N ASN A 109 -3.24 -20.20 11.07
CA ASN A 109 -2.35 -19.12 10.58
C ASN A 109 -3.01 -18.09 9.66
N ASP A 110 -4.34 -18.02 9.64
CA ASP A 110 -5.00 -16.96 8.87
C ASP A 110 -5.39 -15.77 9.74
N VAL A 111 -4.83 -15.69 10.96
CA VAL A 111 -5.03 -14.56 11.84
C VAL A 111 -3.68 -13.94 12.12
N ASN A 112 -3.72 -12.70 12.56
CA ASN A 112 -2.53 -11.94 12.86
C ASN A 112 -2.03 -12.26 14.27
N TRP A 113 -0.94 -13.01 14.38
CA TRP A 113 -0.43 -13.34 15.72
C TRP A 113 0.27 -12.15 16.43
N CYS A 114 0.39 -11.00 15.76
CA CYS A 114 0.65 -9.71 16.39
C CYS A 114 -0.55 -9.10 17.11
N MET A 115 -1.69 -9.80 17.13
CA MET A 115 -2.98 -9.23 17.57
C MET A 115 -3.03 -8.67 18.96
N ALA A 116 -2.14 -9.14 19.82
CA ALA A 116 -2.10 -8.76 21.23
C ALA A 116 -0.88 -7.87 21.54
N ASN A 117 -0.11 -7.51 20.53
CA ASN A 117 1.01 -6.62 20.74
C ASN A 117 0.57 -5.19 21.03
N GLU A 118 1.45 -4.42 21.67
CA GLU A 118 1.23 -2.99 21.87
C GLU A 118 0.86 -2.33 20.55
N ASN A 119 1.55 -2.72 19.48
CA ASN A 119 1.12 -2.35 18.14
C ASN A 119 0.95 -3.59 17.27
N SER A 120 -0.23 -3.72 16.67
CA SER A 120 -0.60 -4.97 16.04
C SER A 120 -0.14 -5.07 14.56
N THR A 121 0.43 -4.00 14.00
CA THR A 121 0.92 -4.05 12.63
C THR A 121 1.92 -5.19 12.40
N PHE A 122 1.68 -5.98 11.34
CA PHE A 122 2.42 -7.23 11.11
C PHE A 122 3.64 -6.97 10.24
N HIS A 123 4.82 -7.41 10.68
CA HIS A 123 6.04 -7.12 9.93
C HIS A 123 6.61 -8.33 9.24
N CYS A 124 7.03 -9.32 10.04
CA CYS A 124 7.46 -10.61 9.54
C CYS A 124 7.21 -11.72 10.56
N THR A 125 7.48 -12.97 10.16
CA THR A 125 7.30 -14.15 10.99
C THR A 125 8.66 -14.84 11.25
N THR A 126 8.89 -15.25 12.49
CA THR A 126 10.02 -16.08 12.89
C THR A 126 9.56 -17.56 12.95
N SER A 127 10.53 -18.47 12.95
CA SER A 127 10.27 -19.91 12.90
C SER A 127 11.18 -20.59 13.93
N VAL A 128 10.74 -20.61 15.18
CA VAL A 128 11.54 -21.05 16.33
C VAL A 128 11.24 -22.51 16.72
N LEU A 129 12.28 -23.33 16.71
CA LEU A 129 12.14 -24.73 17.09
C LEU A 129 11.88 -24.82 18.58
N VAL A 130 10.77 -25.46 18.93
CA VAL A 130 10.40 -25.62 20.33
C VAL A 130 10.92 -26.96 20.87
N GLY A 131 10.54 -28.04 20.20
CA GLY A 131 10.96 -29.37 20.58
C GLY A 131 10.42 -30.41 19.63
N LEU A 132 10.53 -31.67 20.02
CA LEU A 132 9.99 -32.77 19.24
C LEU A 132 8.48 -32.79 19.39
N ALA A 133 7.78 -33.26 18.36
CA ALA A 133 6.32 -33.31 18.39
C ALA A 133 5.83 -34.62 19.00
N HIS B 12 -15.22 20.77 -32.44
CA HIS B 12 -15.83 21.09 -31.12
C HIS B 12 -16.15 19.84 -30.31
N ILE B 13 -16.41 18.72 -30.99
CA ILE B 13 -16.77 17.46 -30.32
C ILE B 13 -15.64 16.94 -29.41
N SER B 14 -14.39 17.13 -29.84
CA SER B 14 -13.22 16.75 -29.04
C SER B 14 -13.05 17.56 -27.75
N LEU B 15 -13.87 18.60 -27.53
CA LEU B 15 -13.83 19.37 -26.28
C LEU B 15 -14.70 18.76 -25.19
N ASN B 16 -15.50 17.77 -25.52
CA ASN B 16 -16.33 17.13 -24.51
C ASN B 16 -15.99 15.67 -24.37
N PRO B 17 -15.21 15.35 -23.31
CA PRO B 17 -14.78 13.98 -23.04
C PRO B 17 -15.94 13.06 -22.75
N ASP B 18 -17.03 13.60 -22.23
CA ASP B 18 -18.26 12.82 -22.03
C ASP B 18 -18.83 12.21 -23.30
N LEU B 19 -18.47 12.74 -24.47
CA LEU B 19 -19.04 12.21 -25.72
C LEU B 19 -18.12 11.18 -26.37
N ALA B 20 -16.85 11.16 -25.96
CA ALA B 20 -15.83 10.31 -26.55
C ALA B 20 -15.92 8.87 -26.06
N ASN B 21 -15.16 8.01 -26.73
CA ASN B 21 -15.08 6.61 -26.37
C ASN B 21 -14.41 6.48 -25.01
N GLU B 22 -15.01 5.70 -24.12
CA GLU B 22 -14.42 5.51 -22.78
C GLU B 22 -12.96 5.06 -22.88
N ASP B 23 -12.66 4.23 -23.86
CA ASP B 23 -11.30 3.77 -24.06
C ASP B 23 -10.35 4.90 -24.45
N GLU B 24 -10.88 5.90 -25.15
CA GLU B 24 -10.08 7.04 -25.61
C GLU B 24 -9.71 7.99 -24.46
N VAL B 25 -10.69 8.30 -23.63
CA VAL B 25 -10.50 9.25 -22.54
C VAL B 25 -9.76 8.62 -21.36
N ASN B 26 -9.93 7.30 -21.19
CA ASN B 26 -9.19 6.56 -20.15
C ASN B 26 -7.72 6.31 -20.48
N SER B 27 -7.25 6.80 -21.62
CA SER B 27 -5.86 6.58 -22.02
C SER B 27 -4.97 7.79 -21.66
N CYS B 28 -3.76 7.53 -21.20
CA CYS B 28 -2.81 8.59 -20.89
C CYS B 28 -2.48 9.50 -22.06
N ASP B 29 -2.74 9.04 -23.28
CA ASP B 29 -2.47 9.79 -24.50
C ASP B 29 -3.64 10.64 -24.93
N TYR B 30 -4.76 10.60 -24.20
CA TYR B 30 -5.85 11.53 -24.49
C TYR B 30 -5.32 12.96 -24.37
N TRP B 31 -5.72 13.80 -25.32
CA TRP B 31 -4.99 15.06 -25.51
C TRP B 31 -4.98 15.91 -24.24
N ARG B 32 -6.09 15.94 -23.50
CA ARG B 32 -6.12 16.83 -22.36
C ARG B 32 -5.39 16.31 -21.13
N HIS B 33 -4.84 15.10 -21.20
CA HIS B 33 -4.06 14.55 -20.08
C HIS B 33 -2.55 14.82 -20.17
N CYS B 34 -2.15 15.90 -20.84
CA CYS B 34 -0.75 16.09 -21.21
C CYS B 34 0.24 16.39 -20.06
N ALA B 35 -0.26 16.79 -18.88
CA ALA B 35 0.61 17.01 -17.69
C ALA B 35 0.04 16.32 -16.46
N VAL B 36 -0.62 15.19 -16.68
CA VAL B 36 -1.15 14.36 -15.60
C VAL B 36 -0.06 13.48 -15.04
N ASP B 37 0.09 13.50 -13.71
CA ASP B 37 0.97 12.60 -12.95
C ASP B 37 0.08 12.06 -11.84
N GLY B 38 -0.52 10.89 -12.09
CA GLY B 38 -1.50 10.33 -11.16
C GLY B 38 -2.47 9.41 -11.87
N PHE B 39 -3.53 9.02 -11.16
CA PHE B 39 -4.51 8.09 -11.69
C PHE B 39 -5.68 8.89 -12.27
N LEU B 40 -6.08 8.56 -13.48
CA LEU B 40 -7.19 9.26 -14.13
C LEU B 40 -8.48 8.97 -13.38
N CYS B 41 -9.16 10.00 -12.90
CA CYS B 41 -10.39 9.79 -12.13
C CYS B 41 -11.47 9.06 -12.93
N SER B 42 -11.41 9.21 -14.25
CA SER B 42 -12.33 8.55 -15.14
C SER B 42 -12.27 7.01 -15.10
N CYS B 43 -11.16 6.46 -14.58
CA CYS B 43 -10.99 5.01 -14.36
C CYS B 43 -11.30 4.56 -12.97
N CYS B 44 -11.76 5.48 -12.14
CA CYS B 44 -11.82 5.29 -10.69
C CYS B 44 -13.24 5.46 -10.16
N GLY B 45 -14.22 5.45 -11.06
CA GLY B 45 -15.62 5.63 -10.74
C GLY B 45 -16.11 7.06 -10.90
N GLY B 46 -15.22 7.94 -11.37
CA GLY B 46 -15.58 9.31 -11.68
C GLY B 46 -15.64 9.52 -13.19
N THR B 47 -15.46 10.77 -13.61
CA THR B 47 -15.34 11.08 -15.03
C THR B 47 -14.20 12.06 -15.16
N THR B 48 -14.00 12.59 -16.37
CA THR B 48 -12.90 13.55 -16.62
C THR B 48 -13.03 14.80 -15.74
N THR B 49 -14.26 15.14 -15.39
CA THR B 49 -14.57 16.37 -14.69
C THR B 49 -15.42 16.19 -13.44
N THR B 50 -15.61 14.95 -12.98
CA THR B 50 -16.31 14.67 -11.73
C THR B 50 -15.49 13.69 -10.85
N CYS B 51 -15.41 13.98 -9.55
CA CYS B 51 -14.71 13.11 -8.59
C CYS B 51 -15.49 11.80 -8.36
N PRO B 52 -14.77 10.66 -8.17
CA PRO B 52 -15.44 9.43 -7.71
C PRO B 52 -16.22 9.69 -6.43
N PRO B 53 -17.30 8.93 -6.18
CA PRO B 53 -18.13 9.12 -4.99
C PRO B 53 -17.26 9.12 -3.73
N GLY B 54 -17.48 10.11 -2.86
CA GLY B 54 -16.80 10.16 -1.58
C GLY B 54 -15.37 10.64 -1.62
N SER B 55 -14.93 11.18 -2.74
CA SER B 55 -13.68 11.94 -2.87
C SER B 55 -13.96 13.39 -3.17
N THR B 56 -13.07 14.24 -2.68
CA THR B 56 -13.32 15.68 -2.60
C THR B 56 -12.45 16.45 -3.56
N PRO B 57 -13.05 17.36 -4.37
CA PRO B 57 -12.28 18.13 -5.31
C PRO B 57 -11.26 19.01 -4.61
N SER B 58 -10.08 19.14 -5.21
CA SER B 58 -9.07 20.06 -4.72
C SER B 58 -9.40 21.46 -5.24
N PRO B 59 -9.32 22.47 -4.35
CA PRO B 59 -9.61 23.84 -4.74
C PRO B 59 -8.49 24.41 -5.62
N ILE B 60 -7.30 23.84 -5.48
CA ILE B 60 -6.10 24.30 -6.15
C ILE B 60 -5.63 23.21 -7.11
N SER B 61 -4.73 23.56 -7.99
CA SER B 61 -4.21 22.59 -8.98
C SER B 61 -2.98 23.13 -9.64
N ILE B 63 -1.48 23.51 -13.54
CA ILE B 63 -2.13 23.75 -14.82
C ILE B 63 -1.21 23.34 -15.97
N GLY B 64 -1.83 22.79 -17.01
CA GLY B 64 -1.13 22.42 -18.24
C GLY B 64 -1.60 23.25 -19.41
N THR B 65 -0.82 23.24 -20.47
CA THR B 65 -1.26 23.74 -21.75
C THR B 65 -1.16 22.55 -22.67
N CYS B 66 -2.28 22.14 -23.27
CA CYS B 66 -2.28 20.92 -24.05
C CYS B 66 -2.78 21.21 -25.41
N HIS B 67 -2.09 20.63 -26.39
CA HIS B 67 -2.51 20.73 -27.75
C HIS B 67 -3.61 19.75 -28.04
N ASN B 68 -4.65 20.23 -28.73
CA ASN B 68 -5.74 19.43 -29.19
C ASN B 68 -5.51 19.16 -30.66
N PRO B 69 -5.16 17.92 -31.01
CA PRO B 69 -4.90 17.61 -32.41
C PRO B 69 -6.16 17.59 -33.28
N HIS B 70 -7.32 17.43 -32.65
CA HIS B 70 -8.59 17.31 -33.37
C HIS B 70 -9.10 18.64 -33.90
N ASP B 71 -8.93 19.71 -33.13
CA ASP B 71 -9.29 21.06 -33.60
C ASP B 71 -8.07 21.96 -33.84
N GLY B 72 -6.86 21.46 -33.55
CA GLY B 72 -5.63 22.19 -33.79
C GLY B 72 -5.35 23.41 -32.92
N LYS B 73 -6.10 23.57 -31.84
CA LYS B 73 -5.88 24.66 -30.88
C LYS B 73 -5.28 24.15 -29.57
N ASP B 74 -4.67 25.06 -28.82
CA ASP B 74 -4.03 24.76 -27.54
C ASP B 74 -4.90 25.26 -26.41
N TYR B 75 -4.97 24.47 -25.32
CA TYR B 75 -5.92 24.73 -24.24
C TYR B 75 -5.24 24.66 -22.88
N LEU B 76 -5.78 25.45 -21.96
CA LEU B 76 -5.38 25.46 -20.57
C LEU B 76 -6.19 24.39 -19.88
N ILE B 77 -5.49 23.43 -19.28
CA ILE B 77 -6.09 22.34 -18.55
C ILE B 77 -5.67 22.48 -17.07
N SER B 78 -6.68 22.50 -16.21
CA SER B 78 -6.53 22.52 -14.76
C SER B 78 -6.58 21.11 -14.18
N TYR B 79 -5.48 20.71 -13.53
CA TYR B 79 -5.35 19.35 -12.99
C TYR B 79 -5.77 19.26 -11.52
N HIS B 80 -7.07 19.41 -11.31
CA HIS B 80 -7.66 19.24 -9.99
C HIS B 80 -7.64 17.78 -9.61
N ASP B 81 -7.19 17.52 -8.41
CA ASP B 81 -7.23 16.21 -7.83
C ASP B 81 -8.53 15.99 -7.07
N CYS B 82 -8.82 14.71 -6.86
CA CYS B 82 -9.85 14.28 -5.92
C CYS B 82 -9.16 13.65 -4.74
N CYS B 83 -9.62 14.00 -3.55
CA CYS B 83 -8.86 13.82 -2.33
C CYS B 83 -9.67 13.17 -1.24
N GLY B 84 -8.99 12.70 -0.20
CA GLY B 84 -9.69 12.17 0.97
C GLY B 84 -10.03 10.68 0.94
N LYS B 85 -9.56 10.01 -0.12
CA LYS B 85 -9.57 8.55 -0.20
C LYS B 85 -8.21 8.07 -0.66
N THR B 86 -7.87 6.85 -0.31
CA THR B 86 -6.59 6.26 -0.72
C THR B 86 -6.45 6.02 -2.22
N ALA B 87 -5.23 5.76 -2.64
CA ALA B 87 -4.86 5.74 -4.05
C ALA B 87 -5.81 4.86 -4.85
N CYS B 88 -6.39 5.40 -5.92
CA CYS B 88 -7.27 4.63 -6.77
C CYS B 88 -6.52 3.46 -7.43
N GLY B 89 -5.30 3.72 -7.89
CA GLY B 89 -4.43 2.73 -8.45
C GLY B 89 -4.63 2.39 -9.90
N ARG B 90 -5.62 2.99 -10.55
CA ARG B 90 -5.97 2.63 -11.93
C ARG B 90 -5.64 3.74 -12.91
N CYS B 91 -5.31 3.36 -14.15
CA CYS B 91 -4.90 4.31 -15.18
C CYS B 91 -3.88 5.33 -14.67
N GLN B 92 -2.75 4.83 -14.20
CA GLN B 92 -1.71 5.73 -13.72
C GLN B 92 -1.00 6.32 -14.91
N CYS B 93 -0.94 7.65 -14.97
CA CYS B 93 -0.31 8.37 -16.05
C CYS B 93 0.80 9.22 -15.49
N ASN B 94 1.85 9.42 -16.29
CA ASN B 94 2.93 10.33 -15.95
C ASN B 94 3.29 11.03 -17.23
N THR B 95 2.68 12.17 -17.47
CA THR B 95 2.95 12.95 -18.67
C THR B 95 3.39 14.31 -18.21
N GLN B 96 4.24 14.94 -19.01
CA GLN B 96 5.03 16.08 -18.52
C GLN B 96 5.11 17.22 -19.51
N THR B 97 4.15 17.30 -20.43
CA THR B 97 4.19 18.31 -21.46
C THR B 97 4.07 19.68 -20.81
N ARG B 98 5.08 20.51 -21.06
CA ARG B 98 5.14 21.89 -20.52
C ARG B 98 5.18 22.01 -18.99
N GLU B 99 5.34 20.88 -18.31
CA GLU B 99 5.50 20.87 -16.87
C GLU B 99 6.86 21.45 -16.44
N ARG B 100 6.88 22.13 -15.31
CA ARG B 100 8.08 22.79 -14.85
C ARG B 100 8.32 22.57 -13.36
N PRO B 101 9.55 22.80 -12.88
CA PRO B 101 9.88 22.57 -11.48
C PRO B 101 9.18 23.50 -10.48
N GLY B 102 9.45 23.29 -9.20
CA GLY B 102 8.66 23.90 -8.14
C GLY B 102 8.81 25.39 -7.99
N TYR B 103 9.86 25.93 -8.61
CA TYR B 103 10.03 27.38 -8.69
C TYR B 103 9.08 28.01 -9.73
N GLU B 104 8.33 27.18 -10.47
CA GLU B 104 7.15 27.63 -11.23
C GLU B 104 5.99 26.78 -10.72
N PHE B 105 5.64 27.01 -9.46
CA PHE B 105 4.90 26.04 -8.66
C PHE B 105 3.58 25.55 -9.24
N PHE B 106 2.84 26.45 -9.87
CA PHE B 106 1.54 26.05 -10.39
C PHE B 106 1.62 25.37 -11.74
N LEU B 107 2.84 25.18 -12.25
CA LEU B 107 3.08 24.36 -13.44
C LEU B 107 3.70 22.99 -13.09
N HIS B 108 3.81 22.70 -11.80
CA HIS B 108 4.59 21.58 -11.32
C HIS B 108 3.64 20.46 -10.89
N ASN B 109 3.89 19.22 -11.34
CA ASN B 109 3.05 18.08 -10.99
C ASN B 109 3.70 17.00 -10.07
N ASP B 110 4.87 17.28 -9.50
CA ASP B 110 5.53 16.35 -8.57
C ASP B 110 5.20 16.70 -7.12
N VAL B 111 4.21 17.54 -6.92
CA VAL B 111 3.67 17.75 -5.58
C VAL B 111 2.22 17.26 -5.57
N ASN B 112 1.69 17.03 -4.38
CA ASN B 112 0.29 16.63 -4.18
C ASN B 112 -0.66 17.82 -4.21
N TRP B 113 -1.44 17.96 -5.27
CA TRP B 113 -2.36 19.11 -5.34
C TRP B 113 -3.61 18.95 -4.42
N CYS B 114 -3.71 17.82 -3.73
CA CYS B 114 -4.61 17.68 -2.55
C CYS B 114 -4.08 18.34 -1.29
N MET B 115 -2.88 18.96 -1.36
CA MET B 115 -2.16 19.45 -0.17
C MET B 115 -2.96 20.42 0.72
N ALA B 116 -3.91 21.17 0.15
CA ALA B 116 -4.68 22.16 0.93
C ALA B 116 -6.07 21.66 1.30
N ASN B 117 -6.40 20.41 0.94
CA ASN B 117 -7.72 19.86 1.26
C ASN B 117 -7.83 19.48 2.72
N GLU B 118 -9.07 19.33 3.18
CA GLU B 118 -9.34 18.91 4.55
C GLU B 118 -8.64 17.59 4.87
N ASN B 119 -8.69 16.67 3.91
CA ASN B 119 -7.83 15.50 3.96
C ASN B 119 -6.98 15.42 2.70
N SER B 120 -5.66 15.44 2.89
CA SER B 120 -4.72 15.52 1.80
C SER B 120 -4.40 14.16 1.15
N THR B 121 -5.06 13.06 1.56
CA THR B 121 -4.79 11.78 0.89
C THR B 121 -5.14 11.88 -0.58
N PHE B 122 -4.21 11.46 -1.45
CA PHE B 122 -4.41 11.58 -2.90
C PHE B 122 -5.12 10.35 -3.48
N HIS B 123 -6.23 10.60 -4.15
CA HIS B 123 -7.05 9.53 -4.72
C HIS B 123 -6.89 9.38 -6.24
N CYS B 124 -7.22 10.44 -6.96
CA CYS B 124 -7.10 10.47 -8.40
C CYS B 124 -7.03 11.92 -8.91
N THR B 125 -6.79 12.04 -10.22
CA THR B 125 -6.62 13.33 -10.91
C THR B 125 -7.62 13.48 -12.07
N THR B 126 -8.21 14.68 -12.13
CA THR B 126 -9.09 15.11 -13.22
C THR B 126 -8.34 16.08 -14.15
N SER B 127 -8.88 16.28 -15.36
CA SER B 127 -8.32 17.23 -16.33
C SER B 127 -9.41 18.18 -16.78
N VAL B 128 -9.50 19.32 -16.12
CA VAL B 128 -10.60 20.28 -16.31
C VAL B 128 -10.20 21.36 -17.34
N LEU B 129 -11.04 21.56 -18.34
CA LEU B 129 -10.78 22.50 -19.41
C LEU B 129 -11.07 23.90 -18.91
N VAL B 130 -10.03 24.72 -18.77
CA VAL B 130 -10.20 26.11 -18.35
C VAL B 130 -10.60 26.95 -19.56
N GLY B 131 -9.88 26.77 -20.66
CA GLY B 131 -10.18 27.44 -21.94
C GLY B 131 -8.98 27.50 -22.84
N LEU B 132 -9.05 28.37 -23.85
CA LEU B 132 -7.96 28.56 -24.80
C LEU B 132 -6.73 29.14 -24.11
N ALA B 133 -5.56 28.71 -24.56
CA ALA B 133 -4.31 29.25 -24.02
C ALA B 133 -3.94 30.54 -24.74
N GLU C 2 15.86 -22.74 21.56
CA GLU C 2 15.74 -21.45 20.82
C GLU C 2 14.68 -20.56 21.45
N VAL C 3 14.95 -19.26 21.47
CA VAL C 3 14.01 -18.25 21.98
C VAL C 3 14.12 -16.98 21.12
N LEU C 4 12.99 -16.39 20.78
CA LEU C 4 12.94 -15.22 19.90
C LEU C 4 13.30 -13.90 20.63
N THR C 5 14.35 -13.23 20.15
CA THR C 5 14.80 -11.97 20.73
C THR C 5 14.63 -10.77 19.79
N GLY C 6 14.39 -9.62 20.40
CA GLY C 6 14.39 -8.33 19.73
C GLY C 6 15.52 -7.49 20.29
N GLY C 7 15.44 -6.17 20.09
CA GLY C 7 16.45 -5.25 20.59
C GLY C 7 17.73 -5.20 19.78
N HIS C 8 17.72 -5.81 18.59
CA HIS C 8 18.92 -5.87 17.74
C HIS C 8 19.13 -4.61 16.94
N SER C 9 20.40 -4.38 16.64
CA SER C 9 20.82 -3.29 15.79
C SER C 9 21.02 -3.82 14.39
N VAL C 10 21.14 -2.92 13.44
CA VAL C 10 21.44 -3.31 12.08
C VAL C 10 22.73 -4.12 12.10
N SER C 11 22.76 -5.17 11.31
CA SER C 11 23.80 -6.17 11.38
C SER C 11 25.07 -5.76 10.64
N ALA C 12 24.93 -4.86 9.68
CA ALA C 12 26.07 -4.43 8.87
C ALA C 12 26.60 -3.11 9.39
N PRO C 13 27.90 -2.84 9.18
CA PRO C 13 28.47 -1.56 9.61
C PRO C 13 27.84 -0.35 8.89
N GLN C 14 27.77 0.79 9.57
CA GLN C 14 27.18 1.99 8.98
C GLN C 14 27.74 2.30 7.59
N GLU C 15 29.03 2.07 7.40
CA GLU C 15 29.70 2.34 6.13
C GLU C 15 29.13 1.57 4.94
N ASN C 16 28.38 0.50 5.21
CA ASN C 16 27.81 -0.29 4.13
C ASN C 16 26.36 0.07 3.82
N ARG C 17 25.77 0.95 4.65
CA ARG C 17 24.33 1.20 4.59
C ARG C 17 23.91 2.25 3.56
N ILE C 18 22.83 1.93 2.89
CA ILE C 18 22.14 2.86 2.02
C ILE C 18 20.64 2.84 2.34
N TYR C 19 19.97 3.92 1.94
CA TYR C 19 18.60 4.17 2.33
C TYR C 19 17.80 4.42 1.08
N VAL C 20 16.90 3.50 0.75
CA VAL C 20 16.04 3.64 -0.41
C VAL C 20 14.66 4.12 0.07
N MET C 21 14.29 5.32 -0.31
CA MET C 21 13.04 5.91 0.15
C MET C 21 11.93 5.42 -0.76
N ASP C 22 11.14 4.45 -0.30
CA ASP C 22 10.10 3.88 -1.17
C ASP C 22 8.81 4.62 -0.92
N SER C 23 8.38 5.39 -1.91
CA SER C 23 7.13 6.12 -1.81
C SER C 23 5.90 5.18 -1.76
N VAL C 24 6.04 4.01 -2.36
CA VAL C 24 4.93 3.09 -2.50
C VAL C 24 3.71 3.84 -3.03
N PHE C 25 3.90 4.49 -4.18
CA PHE C 25 2.88 5.42 -4.71
C PHE C 25 1.49 4.80 -4.88
N MET C 26 1.45 3.54 -5.31
CA MET C 26 0.20 2.77 -5.35
C MET C 26 -0.53 2.66 -4.03
N HIS C 27 0.22 2.67 -2.93
CA HIS C 27 -0.34 2.73 -1.58
C HIS C 27 0.45 3.71 -0.70
N LEU C 28 0.31 4.98 -1.04
CA LEU C 28 1.18 6.06 -0.59
C LEU C 28 1.07 6.30 0.89
N THR C 29 -0.02 5.83 1.54
CA THR C 29 -0.09 5.91 3.01
C THR C 29 0.83 4.93 3.74
N GLU C 30 1.46 4.00 3.00
CA GLU C 30 2.39 3.05 3.61
C GLU C 30 3.81 3.16 3.03
N SER C 31 4.23 4.38 2.73
CA SER C 31 5.60 4.62 2.36
C SER C 31 6.51 4.13 3.47
N ARG C 32 7.75 3.84 3.08
CA ARG C 32 8.78 3.43 4.04
C ARG C 32 10.16 3.57 3.46
N VAL C 33 11.14 3.57 4.37
CA VAL C 33 12.54 3.60 4.01
C VAL C 33 13.08 2.18 4.15
N HIS C 34 13.60 1.64 3.07
CA HIS C 34 14.29 0.35 3.12
C HIS C 34 15.79 0.58 3.29
N VAL C 35 16.40 -0.14 4.22
CA VAL C 35 17.82 0.00 4.50
C VAL C 35 18.53 -1.22 3.92
N TYR C 36 19.50 -0.97 3.03
CA TYR C 36 20.25 -2.02 2.38
C TYR C 36 21.77 -1.93 2.64
N ASP C 37 22.44 -3.06 2.46
CA ASP C 37 23.90 -3.12 2.43
C ASP C 37 24.31 -3.07 0.98
N TYR C 38 25.02 -2.02 0.56
CA TYR C 38 25.30 -1.87 -0.86
C TYR C 38 26.40 -2.82 -1.32
N THR C 39 27.18 -3.35 -0.37
CA THR C 39 28.26 -4.30 -0.71
C THR C 39 27.76 -5.69 -1.16
N ASN C 40 26.62 -6.15 -0.65
CA ASN C 40 26.12 -7.49 -0.98
C ASN C 40 24.65 -7.58 -1.33
N GLY C 41 23.95 -6.45 -1.24
CA GLY C 41 22.56 -6.35 -1.57
C GLY C 41 21.65 -6.82 -0.48
N LYS C 42 22.17 -7.02 0.72
CA LYS C 42 21.35 -7.54 1.79
C LYS C 42 20.39 -6.48 2.33
N PHE C 43 19.12 -6.88 2.50
CA PHE C 43 18.12 -6.06 3.18
C PHE C 43 18.37 -6.05 4.68
N LEU C 44 18.61 -4.88 5.25
CA LEU C 44 19.01 -4.76 6.68
C LEU C 44 17.90 -4.34 7.61
N GLY C 45 16.89 -3.68 7.09
CA GLY C 45 15.75 -3.25 7.92
C GLY C 45 14.96 -2.17 7.22
N MET C 46 13.99 -1.58 7.94
CA MET C 46 13.18 -0.49 7.41
C MET C 46 12.61 0.46 8.47
N VAL C 47 12.16 1.62 8.00
CA VAL C 47 11.50 2.60 8.84
C VAL C 47 10.19 3.00 8.18
N PRO C 48 9.06 2.79 8.87
CA PRO C 48 7.77 3.19 8.28
C PRO C 48 7.61 4.70 8.27
N THR C 49 7.05 5.24 7.19
CA THR C 49 6.93 6.70 7.02
C THR C 49 5.56 7.19 6.51
N ALA C 50 4.54 6.36 6.73
CA ALA C 50 3.16 6.74 6.56
C ALA C 50 2.93 7.41 5.21
N PHE C 51 2.21 8.53 5.16
CA PHE C 51 1.90 9.12 3.87
C PHE C 51 3.07 9.95 3.32
N ASN C 52 3.57 9.54 2.16
CA ASN C 52 4.58 10.27 1.42
C ASN C 52 5.72 10.73 2.33
N GLY C 53 6.41 9.76 2.92
CA GLY C 53 7.49 10.05 3.81
C GLY C 53 8.66 10.62 3.06
N HIS C 54 9.43 11.44 3.77
CA HIS C 54 10.76 11.90 3.30
C HIS C 54 11.76 11.46 4.36
N VAL C 55 13.04 11.32 3.97
CA VAL C 55 14.05 10.82 4.88
C VAL C 55 15.44 11.48 4.59
N GLN C 56 16.22 11.61 5.65
CA GLN C 56 17.63 11.89 5.54
C GLN C 56 18.26 11.27 6.77
N VAL C 57 19.58 11.15 6.75
CA VAL C 57 20.35 10.62 7.89
C VAL C 57 21.07 11.82 8.51
N SER C 58 21.19 11.84 9.83
CA SER C 58 21.87 12.95 10.50
C SER C 58 23.32 13.01 10.00
N ASN C 59 23.86 14.22 9.92
CA ASN C 59 25.24 14.38 9.44
C ASN C 59 26.20 13.51 10.24
N ASP C 60 25.88 13.34 11.51
CA ASP C 60 26.77 12.58 12.39
C ASP C 60 26.57 11.07 12.27
N GLY C 61 25.58 10.65 11.47
CA GLY C 61 25.34 9.24 11.23
C GLY C 61 24.60 8.48 12.32
N LYS C 62 24.17 9.17 13.38
CA LYS C 62 23.59 8.50 14.52
C LYS C 62 22.06 8.36 14.47
N LYS C 63 21.40 9.22 13.69
CA LYS C 63 19.95 9.27 13.63
C LYS C 63 19.45 9.25 12.20
N ILE C 64 18.24 8.72 12.07
CA ILE C 64 17.47 8.86 10.87
C ILE C 64 16.37 9.88 11.13
N TYR C 65 16.19 10.81 10.20
CA TYR C 65 15.12 11.79 10.31
C TYR C 65 14.08 11.51 9.25
N THR C 66 12.83 11.43 9.65
CA THR C 66 11.76 11.30 8.67
C THR C 66 10.85 12.49 8.78
N MET C 67 10.16 12.77 7.68
CA MET C 67 9.09 13.75 7.66
C MET C 67 7.90 13.06 7.03
N THR C 68 6.76 13.17 7.69
CA THR C 68 5.53 12.57 7.19
C THR C 68 4.31 13.32 7.71
N THR C 69 3.16 12.80 7.32
CA THR C 69 1.85 13.35 7.64
C THR C 69 0.99 12.19 8.15
N TYR C 70 0.34 12.41 9.29
CA TYR C 70 -0.69 11.55 9.85
C TYR C 70 -2.04 12.29 9.89
N HIS C 71 -3.13 11.53 9.92
CA HIS C 71 -4.46 12.02 10.26
C HIS C 71 -5.04 11.04 11.26
N GLU C 72 -5.84 11.53 12.20
CA GLU C 72 -6.41 10.67 13.25
C GLU C 72 -7.05 9.40 12.68
N ARG C 73 -7.68 9.51 11.53
CA ARG C 73 -8.31 8.35 10.89
C ARG C 73 -7.85 8.23 9.43
N ILE C 74 -6.59 8.61 9.19
CA ILE C 74 -5.90 8.50 7.89
C ILE C 74 -6.54 9.33 6.79
N THR C 75 -7.75 8.96 6.39
CA THR C 75 -8.48 9.64 5.33
C THR C 75 -9.47 10.67 5.87
N ARG C 76 -9.54 10.76 7.18
CA ARG C 76 -10.32 11.79 7.83
C ARG C 76 -9.68 12.08 9.18
N GLY C 77 -10.15 13.17 9.81
CA GLY C 77 -9.68 13.54 11.14
C GLY C 77 -8.55 14.54 11.06
N LYS C 78 -7.97 14.87 12.21
CA LYS C 78 -7.00 15.94 12.29
C LYS C 78 -5.67 15.56 11.64
N ARG C 79 -5.07 16.53 10.94
CA ARG C 79 -3.75 16.37 10.36
C ARG C 79 -2.65 16.70 11.37
N SER C 80 -1.59 15.88 11.36
CA SER C 80 -0.35 16.11 12.07
C SER C 80 0.81 15.91 11.10
N ASP C 81 1.43 17.01 10.71
CA ASP C 81 2.74 16.96 10.01
C ASP C 81 3.86 16.93 11.04
N VAL C 82 4.86 16.08 10.83
CA VAL C 82 5.90 15.88 11.81
C VAL C 82 7.23 15.57 11.18
N VAL C 83 8.29 15.85 11.93
CA VAL C 83 9.58 15.22 11.77
C VAL C 83 9.68 14.16 12.86
N GLU C 84 10.26 13.03 12.53
CA GLU C 84 10.55 12.03 13.54
C GLU C 84 12.05 11.75 13.54
N VAL C 85 12.56 11.50 14.72
CA VAL C 85 13.94 11.10 14.95
C VAL C 85 13.94 9.64 15.35
N TRP C 86 14.73 8.88 14.62
CA TRP C 86 14.88 7.45 14.80
C TRP C 86 16.34 7.13 15.06
N ASP C 87 16.60 6.16 15.94
CA ASP C 87 17.96 5.68 16.09
C ASP C 87 18.41 4.94 14.83
N ALA C 88 19.54 5.36 14.28
CA ALA C 88 20.07 4.79 13.06
C ALA C 88 20.41 3.31 13.19
N ASP C 89 20.87 2.87 14.35
CA ASP C 89 21.33 1.48 14.47
C ASP C 89 20.23 0.54 14.87
N LYS C 90 19.34 1.00 15.75
CA LYS C 90 18.24 0.19 16.28
C LYS C 90 17.01 0.33 15.39
N LEU C 91 16.98 1.36 14.56
CA LEU C 91 15.83 1.64 13.69
C LEU C 91 14.54 1.68 14.50
N THR C 92 14.62 2.45 15.59
CA THR C 92 13.52 2.61 16.52
C THR C 92 13.16 4.10 16.61
N PHE C 93 11.87 4.37 16.85
CA PHE C 93 11.33 5.72 16.95
C PHE C 93 11.77 6.34 18.27
N GLU C 94 12.21 7.59 18.23
CA GLU C 94 12.64 8.28 19.45
C GLU C 94 11.76 9.46 19.83
N LYS C 95 11.47 10.31 18.86
CA LYS C 95 10.96 11.61 19.14
C LYS C 95 10.17 12.10 17.94
N GLU C 96 9.05 12.76 18.22
CA GLU C 96 8.27 13.45 17.23
C GLU C 96 8.46 14.95 17.44
N ILE C 97 8.68 15.66 16.35
CA ILE C 97 8.73 17.11 16.35
C ILE C 97 7.56 17.64 15.52
N SER C 98 6.70 18.45 16.12
CA SER C 98 5.53 19.02 15.43
C SER C 98 5.85 20.07 14.37
N LEU C 99 5.19 19.94 13.25
CA LEU C 99 5.32 20.89 12.18
C LEU C 99 3.98 21.56 11.94
N PRO C 100 4.01 22.78 11.40
CA PRO C 100 2.72 23.32 10.95
C PRO C 100 2.19 22.45 9.78
N PRO C 101 0.86 22.37 9.61
CA PRO C 101 0.35 21.42 8.61
C PRO C 101 0.48 21.92 7.18
N LYS C 102 1.73 22.11 6.76
CA LYS C 102 2.05 22.56 5.43
C LYS C 102 3.39 21.99 4.90
N ARG C 103 3.88 20.89 5.46
CA ARG C 103 5.12 20.34 4.94
C ARG C 103 4.85 19.89 3.49
N VAL C 104 5.87 19.97 2.64
CA VAL C 104 5.68 19.60 1.26
C VAL C 104 5.27 18.14 1.16
N GLN C 105 4.22 17.92 0.39
CA GLN C 105 3.83 16.58 -0.02
C GLN C 105 4.16 16.41 -1.46
N GLY C 106 5.11 15.53 -1.72
CA GLY C 106 5.65 15.42 -3.06
C GLY C 106 6.77 14.42 -3.18
N LEU C 107 7.20 14.23 -4.42
CA LEU C 107 8.24 13.28 -4.76
C LEU C 107 9.53 13.64 -4.04
N ASN C 108 10.34 12.62 -3.81
CA ASN C 108 11.48 12.73 -2.90
C ASN C 108 12.74 13.24 -3.58
N TYR C 109 12.67 14.45 -4.09
CA TYR C 109 13.88 15.24 -4.34
C TYR C 109 14.68 15.51 -3.06
N ASP C 110 16.01 15.44 -3.15
CA ASP C 110 16.87 15.63 -1.97
C ASP C 110 16.53 16.99 -1.31
N GLY C 111 16.22 17.99 -2.15
CA GLY C 111 16.14 19.38 -1.70
C GLY C 111 14.94 19.77 -0.89
N LEU C 112 14.00 18.86 -0.70
CA LEU C 112 12.79 19.17 0.10
C LEU C 112 12.96 18.89 1.58
N PHE C 113 14.03 18.20 1.94
CA PHE C 113 14.24 17.76 3.32
C PHE C 113 15.75 17.62 3.53
N ARG C 114 16.33 18.65 4.13
CA ARG C 114 17.77 18.75 4.31
C ARG C 114 18.10 19.16 5.72
N GLN C 115 19.39 19.42 5.95
CA GLN C 115 19.88 19.88 7.23
C GLN C 115 21.07 20.78 7.00
N THR C 116 21.43 21.53 8.04
CA THR C 116 22.54 22.47 7.95
C THR C 116 23.83 21.67 8.05
N THR C 117 24.91 22.25 7.54
CA THR C 117 26.21 21.58 7.63
C THR C 117 26.56 21.19 9.05
N ASP C 118 26.30 22.08 10.00
CA ASP C 118 26.63 21.82 11.39
C ASP C 118 25.66 20.81 12.04
N GLY C 119 24.62 20.41 11.30
CA GLY C 119 23.71 19.37 11.76
C GLY C 119 22.70 19.83 12.80
N LYS C 120 22.67 21.12 13.11
CA LYS C 120 21.89 21.60 14.24
C LYS C 120 20.44 21.84 13.84
N PHE C 121 20.23 22.20 12.57
CA PHE C 121 18.89 22.48 12.05
C PHE C 121 18.53 21.59 10.87
N ILE C 122 17.29 21.10 10.90
CA ILE C 122 16.65 20.50 9.75
C ILE C 122 15.98 21.62 9.00
N VAL C 123 16.08 21.55 7.70
CA VAL C 123 15.59 22.61 6.85
C VAL C 123 14.70 21.94 5.84
N LEU C 124 13.43 22.35 5.77
CA LEU C 124 12.45 21.64 4.98
C LEU C 124 11.59 22.55 4.13
N GLN C 125 11.05 22.02 3.03
CA GLN C 125 10.20 22.80 2.17
C GLN C 125 8.73 22.69 2.63
N ASN C 126 8.07 23.86 2.66
CA ASN C 126 6.65 23.96 2.93
C ASN C 126 5.92 24.43 1.70
N ALA C 127 4.66 24.03 1.61
CA ALA C 127 3.78 24.58 0.59
C ALA C 127 2.33 24.56 1.10
N SER C 128 1.68 25.72 1.10
CA SER C 128 0.36 25.87 1.70
C SER C 128 -0.85 26.08 0.73
N PRO C 129 -0.67 26.58 -0.50
CA PRO C 129 0.39 26.21 -1.42
C PRO C 129 1.50 27.29 -1.51
N ALA C 130 1.34 28.43 -0.85
CA ALA C 130 2.45 29.40 -0.77
C ALA C 130 3.66 28.72 -0.14
N THR C 131 4.83 28.96 -0.73
CA THR C 131 6.02 28.27 -0.27
C THR C 131 6.70 29.11 0.80
N SER C 132 7.20 28.43 1.80
CA SER C 132 8.10 28.97 2.79
C SER C 132 9.04 27.82 3.13
N ILE C 133 10.16 28.12 3.77
CA ILE C 133 11.06 27.11 4.31
C ILE C 133 11.01 27.07 5.82
N GLY C 134 10.91 25.85 6.34
CA GLY C 134 10.81 25.66 7.76
C GLY C 134 12.14 25.27 8.36
N ILE C 135 12.41 25.83 9.55
CA ILE C 135 13.60 25.45 10.32
C ILE C 135 13.18 24.73 11.58
N VAL C 136 13.86 23.61 11.83
CA VAL C 136 13.61 22.80 13.00
C VAL C 136 14.90 22.69 13.77
N ASP C 137 14.85 23.08 15.03
CA ASP C 137 16.00 22.98 15.94
C ASP C 137 16.02 21.54 16.40
N VAL C 138 17.03 20.78 16.00
CA VAL C 138 17.05 19.35 16.30
C VAL C 138 17.18 19.11 17.83
N ALA C 139 18.17 19.76 18.41
CA ALA C 139 18.43 19.73 19.84
C ALA C 139 17.18 19.98 20.64
N LYS C 140 16.50 21.09 20.32
CA LYS C 140 15.31 21.50 21.07
C LYS C 140 14.07 20.73 20.67
N GLY C 141 14.11 20.06 19.53
CA GLY C 141 12.98 19.26 19.04
C GLY C 141 11.82 20.16 18.70
N ASP C 142 12.14 21.34 18.13
CA ASP C 142 11.16 22.39 17.96
C ASP C 142 11.26 22.98 16.56
N TYR C 143 10.10 23.32 16.01
CA TYR C 143 10.03 24.17 14.83
C TYR C 143 10.28 25.58 15.33
N VAL C 144 11.23 26.28 14.73
CA VAL C 144 11.61 27.61 15.27
C VAL C 144 11.40 28.79 14.33
N GLU C 145 11.37 28.56 13.02
CA GLU C 145 11.37 29.66 12.07
C GLU C 145 10.66 29.20 10.81
N ASP C 146 9.79 30.06 10.31
CA ASP C 146 9.17 29.92 9.01
C ASP C 146 9.75 31.03 8.16
N VAL C 147 10.57 30.67 7.17
CA VAL C 147 11.20 31.62 6.29
C VAL C 147 10.27 31.92 5.13
N THR C 148 9.40 32.92 5.34
CA THR C 148 8.42 33.28 4.31
C THR C 148 9.08 34.13 3.24
N ALA C 149 10.29 34.60 3.53
CA ALA C 149 11.09 35.32 2.54
C ALA C 149 11.39 34.44 1.33
N ALA C 150 11.30 33.11 1.53
CA ALA C 150 11.50 32.14 0.45
C ALA C 150 10.28 31.92 -0.42
N ALA C 151 9.20 32.66 -0.20
CA ALA C 151 8.01 32.56 -1.03
C ALA C 151 8.38 32.72 -2.48
N GLY C 152 7.82 31.86 -3.32
CA GLY C 152 8.08 31.89 -4.77
C GLY C 152 9.35 31.18 -5.16
N CYS C 153 10.04 30.61 -4.18
CA CYS C 153 11.22 29.81 -4.40
C CYS C 153 10.90 28.35 -4.13
N TRP C 154 11.88 27.47 -4.37
CA TRP C 154 11.67 26.04 -4.21
C TRP C 154 12.98 25.31 -3.98
N SER C 155 13.00 24.49 -2.92
CA SER C 155 14.07 23.56 -2.57
C SER C 155 15.22 24.16 -1.74
N VAL C 156 15.87 23.28 -0.98
CA VAL C 156 16.94 23.66 -0.04
C VAL C 156 18.26 23.08 -0.54
N ILE C 157 19.24 23.94 -0.78
CA ILE C 157 20.58 23.53 -1.18
C ILE C 157 21.51 24.01 -0.08
N PRO C 158 21.91 23.14 0.84
CA PRO C 158 22.78 23.62 1.90
C PRO C 158 24.18 23.97 1.36
N GLN C 159 24.89 24.83 2.07
CA GLN C 159 26.22 25.26 1.65
C GLN C 159 27.22 24.51 2.54
N PRO C 160 27.98 23.56 1.95
CA PRO C 160 28.87 22.74 2.78
C PRO C 160 30.03 23.50 3.41
N ASN C 161 30.26 24.73 2.95
CA ASN C 161 31.32 25.59 3.51
C ASN C 161 30.89 26.52 4.66
N ARG C 162 29.64 26.42 5.10
CA ARG C 162 29.12 27.23 6.22
C ARG C 162 28.24 26.39 7.12
N PRO C 163 28.27 26.67 8.43
CA PRO C 163 27.52 25.91 9.43
C PRO C 163 26.00 25.92 9.28
N ARG C 164 25.39 27.03 8.87
CA ARG C 164 23.94 27.10 8.90
C ARG C 164 23.41 28.08 7.87
N SER C 165 23.84 27.84 6.63
CA SER C 165 23.44 28.59 5.47
C SER C 165 22.97 27.62 4.37
N PHE C 166 22.05 28.09 3.55
CA PHE C 166 21.56 27.30 2.44
C PHE C 166 20.99 28.22 1.41
N MET C 167 20.75 27.68 0.23
CA MET C 167 20.16 28.43 -0.84
C MET C 167 18.88 27.76 -1.30
N THR C 168 18.09 28.53 -2.02
CA THR C 168 16.90 28.06 -2.66
C THR C 168 16.84 28.70 -4.03
N ILE C 169 16.19 28.01 -4.96
CA ILE C 169 16.03 28.46 -6.33
C ILE C 169 14.72 29.20 -6.43
N CYS C 170 14.75 30.40 -6.99
CA CYS C 170 13.57 31.25 -7.00
C CYS C 170 13.00 31.45 -8.39
N GLY C 171 11.75 31.91 -8.46
CA GLY C 171 11.08 32.08 -9.76
C GLY C 171 11.58 33.20 -10.66
N ASP C 172 12.54 33.98 -10.16
CA ASP C 172 13.25 34.98 -10.95
C ASP C 172 14.51 34.44 -11.67
N GLY C 173 14.77 33.15 -11.50
CA GLY C 173 15.92 32.52 -12.13
C GLY C 173 17.18 32.71 -11.33
N GLY C 174 17.02 33.14 -10.08
CA GLY C 174 18.13 33.38 -9.19
C GLY C 174 18.08 32.53 -7.97
N LEU C 175 19.06 32.74 -7.11
CA LEU C 175 19.19 32.05 -5.84
C LEU C 175 19.09 33.00 -4.65
N LEU C 176 18.33 32.57 -3.65
CA LEU C 176 18.22 33.24 -2.38
C LEU C 176 19.03 32.46 -1.37
N THR C 177 19.97 33.15 -0.73
CA THR C 177 20.73 32.59 0.37
C THR C 177 20.16 33.01 1.70
N ILE C 178 19.95 32.03 2.58
CA ILE C 178 19.53 32.26 3.95
C ILE C 178 20.64 31.84 4.88
N ASN C 179 20.96 32.72 5.83
CA ASN C 179 21.98 32.50 6.83
C ASN C 179 21.32 32.51 8.20
N LEU C 180 21.34 31.38 8.89
CA LEU C 180 20.66 31.27 10.19
C LEU C 180 21.53 31.73 11.33
N GLY C 181 20.90 32.39 12.31
CA GLY C 181 21.56 32.71 13.58
C GLY C 181 21.66 31.51 14.48
N GLU C 182 22.22 31.71 15.66
CA GLU C 182 22.42 30.65 16.65
C GLU C 182 21.10 29.95 17.03
N ASP C 183 20.00 30.69 16.98
CA ASP C 183 18.69 30.21 17.40
C ASP C 183 17.85 29.60 16.27
N GLY C 184 18.36 29.68 15.03
CA GLY C 184 17.64 29.16 13.86
C GLY C 184 16.77 30.19 13.18
N LYS C 185 16.69 31.39 13.73
CA LYS C 185 16.00 32.46 13.05
C LYS C 185 16.91 33.01 11.96
N VAL C 186 16.32 33.63 10.96
CA VAL C 186 17.08 34.19 9.86
C VAL C 186 17.89 35.42 10.33
N ALA C 187 19.20 35.32 10.22
CA ALA C 187 20.10 36.40 10.59
C ALA C 187 20.25 37.34 9.42
N SER C 188 20.60 36.77 8.27
CA SER C 188 20.75 37.55 7.06
C SER C 188 20.32 36.73 5.87
N GLN C 189 20.26 37.39 4.74
CA GLN C 189 19.88 36.76 3.50
C GLN C 189 20.38 37.59 2.33
N SER C 190 20.59 36.94 1.18
CA SER C 190 20.88 37.66 -0.04
C SER C 190 20.28 37.00 -1.26
N ARG C 191 20.06 37.78 -2.31
CA ARG C 191 19.54 37.26 -3.55
C ARG C 191 20.65 37.46 -4.57
N SER C 192 20.93 36.42 -5.35
CA SER C 192 21.89 36.45 -6.43
C SER C 192 21.30 37.20 -7.61
N LYS C 193 22.13 37.47 -8.61
CA LYS C 193 21.62 37.90 -9.89
C LYS C 193 20.96 36.69 -10.55
N GLN C 194 20.29 36.91 -11.69
CA GLN C 194 19.65 35.84 -12.44
C GLN C 194 20.70 34.88 -13.04
N MET C 195 20.60 33.61 -12.63
CA MET C 195 21.45 32.52 -13.14
C MET C 195 20.95 32.00 -14.47
N PHE C 196 19.67 31.67 -14.52
CA PHE C 196 19.09 31.08 -15.73
C PHE C 196 17.80 31.76 -16.08
N SER C 197 17.40 31.61 -17.34
CA SER C 197 16.09 32.05 -17.80
C SER C 197 15.04 30.98 -17.54
N VAL C 198 14.10 31.34 -16.67
CA VAL C 198 13.04 30.42 -16.25
C VAL C 198 12.25 29.95 -17.47
N LYS C 199 11.93 30.88 -18.34
CA LYS C 199 11.15 30.58 -19.51
C LYS C 199 11.95 29.91 -20.63
N ASP C 200 13.20 30.34 -20.84
CA ASP C 200 13.95 29.84 -21.99
C ASP C 200 14.86 28.64 -21.70
N ASP C 201 15.29 28.50 -20.46
CA ASP C 201 16.24 27.43 -20.13
C ASP C 201 16.09 26.96 -18.70
N PRO C 202 14.90 26.42 -18.38
CA PRO C 202 14.65 26.04 -17.03
C PRO C 202 15.60 24.94 -16.63
N ILE C 203 16.11 25.06 -15.42
CA ILE C 203 16.97 24.05 -14.82
C ILE C 203 16.23 23.00 -14.01
N PHE C 204 16.87 21.84 -13.89
CA PHE C 204 16.48 20.85 -12.92
C PHE C 204 16.92 21.36 -11.56
N ILE C 205 16.08 21.13 -10.55
CA ILE C 205 16.39 21.62 -9.21
C ILE C 205 17.55 20.89 -8.52
N ALA C 206 17.85 19.67 -8.97
CA ALA C 206 18.90 18.85 -8.34
C ALA C 206 20.30 19.45 -8.57
N PRO C 207 21.02 19.82 -7.49
CA PRO C 207 22.40 20.30 -7.67
C PRO C 207 23.47 19.22 -7.76
N ALA C 208 24.47 19.49 -8.59
CA ALA C 208 25.76 18.78 -8.50
C ALA C 208 26.60 19.65 -7.56
N LEU C 209 26.70 19.21 -6.31
CA LEU C 209 27.11 20.09 -5.22
C LEU C 209 28.56 19.89 -4.85
N ASP C 210 29.35 20.96 -4.93
CA ASP C 210 30.74 20.96 -4.45
C ASP C 210 30.83 21.67 -3.10
N LYS C 211 32.03 21.76 -2.52
CA LYS C 211 32.15 22.33 -1.18
C LYS C 211 31.80 23.83 -1.13
N ASP C 212 32.02 24.58 -2.20
CA ASP C 212 31.58 25.99 -2.26
C ASP C 212 31.02 26.44 -3.62
N LYS C 213 30.53 25.48 -4.39
CA LYS C 213 29.90 25.76 -5.67
C LYS C 213 28.86 24.67 -5.96
N ALA C 214 27.84 25.01 -6.74
CA ALA C 214 26.82 24.05 -7.16
C ALA C 214 26.65 24.25 -8.63
N HIS C 215 26.48 23.16 -9.37
CA HIS C 215 26.18 23.21 -10.78
C HIS C 215 24.80 22.62 -10.99
N PHE C 216 24.10 23.11 -12.02
CA PHE C 216 22.75 22.69 -12.34
C PHE C 216 22.65 22.42 -13.82
N VAL C 217 21.89 21.39 -14.18
CA VAL C 217 21.61 21.16 -15.57
C VAL C 217 20.22 21.63 -15.95
N SER C 218 20.04 21.93 -17.23
CA SER C 218 18.81 22.52 -17.75
C SER C 218 18.10 21.49 -18.58
N TYR C 219 16.84 21.78 -18.87
CA TYR C 219 16.02 20.97 -19.78
C TYR C 219 16.62 20.74 -21.16
N TYR C 220 17.41 21.70 -21.63
CA TYR C 220 18.02 21.60 -22.96
C TYR C 220 19.48 21.20 -23.00
N GLY C 221 20.04 20.82 -21.85
CA GLY C 221 21.37 20.26 -21.79
C GLY C 221 22.44 21.29 -21.54
N ASN C 222 22.07 22.43 -20.95
CA ASN C 222 23.05 23.44 -20.55
C ASN C 222 23.35 23.33 -19.07
N VAL C 223 24.46 23.92 -18.67
CA VAL C 223 24.95 23.80 -17.29
C VAL C 223 25.13 25.21 -16.73
N TYR C 224 24.67 25.42 -15.50
CA TYR C 224 24.75 26.69 -14.81
C TYR C 224 25.45 26.45 -13.49
N SER C 225 26.14 27.47 -12.98
CA SER C 225 26.88 27.34 -11.76
C SER C 225 26.56 28.46 -10.81
N ALA C 226 26.60 28.14 -9.52
CA ALA C 226 26.48 29.14 -8.47
C ALA C 226 27.64 28.93 -7.54
N ASP C 227 28.40 29.99 -7.35
CA ASP C 227 29.55 29.96 -6.50
C ASP C 227 29.25 30.70 -5.22
N PHE C 228 29.48 30.04 -4.08
CA PHE C 228 29.27 30.63 -2.78
C PHE C 228 30.52 30.56 -1.88
N SER C 229 31.70 30.69 -2.49
CA SER C 229 32.95 30.79 -1.73
C SER C 229 33.02 32.15 -1.06
N GLY C 230 32.46 33.14 -1.74
CA GLY C 230 32.38 34.46 -1.22
C GLY C 230 31.13 34.72 -0.42
N ASP C 231 30.97 35.99 -0.11
CA ASP C 231 29.99 36.47 0.83
C ASP C 231 28.63 36.47 0.12
N GLU C 232 28.69 36.77 -1.17
CA GLU C 232 27.54 36.82 -2.03
C GLU C 232 27.71 35.82 -3.19
N VAL C 233 26.61 35.19 -3.56
CA VAL C 233 26.63 34.15 -4.58
C VAL C 233 26.87 34.70 -6.00
N LYS C 234 27.78 34.07 -6.72
CA LYS C 234 28.08 34.44 -8.09
C LYS C 234 27.67 33.35 -9.08
N VAL C 235 26.94 33.78 -10.12
CA VAL C 235 26.25 32.84 -11.00
C VAL C 235 26.85 32.90 -12.38
N ASP C 236 26.89 31.76 -13.07
CA ASP C 236 27.39 31.71 -14.43
C ASP C 236 26.69 30.64 -15.25
N GLY C 237 26.87 30.70 -16.56
CA GLY C 237 26.30 29.77 -17.49
C GLY C 237 25.46 30.48 -18.50
N PRO C 238 25.13 29.80 -19.60
CA PRO C 238 25.25 28.35 -19.68
C PRO C 238 26.52 27.88 -20.36
N TRP C 239 26.96 26.67 -20.05
CA TRP C 239 27.74 25.89 -21.02
C TRP C 239 26.97 24.64 -21.34
N SER C 240 27.18 24.12 -22.54
CA SER C 240 26.40 23.01 -23.05
C SER C 240 27.10 21.68 -22.76
N LEU C 241 26.29 20.69 -22.38
CA LEU C 241 26.78 19.34 -22.17
C LEU C 241 27.00 18.65 -23.52
N LEU C 242 26.44 19.22 -24.59
CA LEU C 242 26.38 18.59 -25.88
C LEU C 242 27.46 19.04 -26.85
N ASN C 243 28.02 18.07 -27.57
CA ASN C 243 28.78 18.31 -28.80
C ASN C 243 27.85 18.30 -30.01
N ASP C 244 28.39 18.48 -31.22
CA ASP C 244 27.54 18.62 -32.42
C ASP C 244 26.74 17.37 -32.72
N GLU C 245 27.35 16.21 -32.52
CA GLU C 245 26.66 14.94 -32.78
C GLU C 245 25.56 14.72 -31.76
N ASP C 246 25.79 15.17 -30.52
CA ASP C 246 24.82 15.03 -29.44
C ASP C 246 23.59 15.87 -29.77
N LYS C 247 23.83 17.09 -30.24
CA LYS C 247 22.74 18.00 -30.58
C LYS C 247 21.90 17.43 -31.70
N ALA C 248 22.54 16.89 -32.73
CA ALA C 248 21.79 16.39 -33.87
C ALA C 248 20.90 15.20 -33.48
N LYS C 249 21.31 14.48 -32.44
CA LYS C 249 20.52 13.38 -31.92
C LYS C 249 19.57 13.82 -30.80
N ASN C 250 19.60 15.11 -30.44
CA ASN C 250 18.67 15.69 -29.45
C ASN C 250 18.82 15.08 -28.06
N TRP C 251 20.06 14.80 -27.69
CA TRP C 251 20.32 14.36 -26.34
C TRP C 251 20.03 15.48 -25.35
N VAL C 252 19.24 15.14 -24.33
CA VAL C 252 18.98 16.07 -23.21
C VAL C 252 18.99 15.30 -21.89
N PRO C 253 19.09 16.03 -20.75
CA PRO C 253 19.00 15.37 -19.47
C PRO C 253 17.59 14.92 -19.16
N GLY C 254 17.48 13.98 -18.25
CA GLY C 254 16.16 13.44 -17.82
C GLY C 254 16.25 12.72 -16.52
N GLY C 255 15.29 12.95 -15.63
CA GLY C 255 15.24 12.24 -14.38
C GLY C 255 14.76 13.13 -13.28
N TYR C 256 15.04 12.71 -12.05
CA TYR C 256 14.62 13.41 -10.84
C TYR C 256 15.85 13.88 -10.07
N ASN C 257 16.44 13.05 -9.21
CA ASN C 257 17.71 13.36 -8.58
C ASN C 257 18.80 12.95 -9.58
N LEU C 258 18.88 13.71 -10.65
CA LEU C 258 19.52 13.24 -11.90
C LEU C 258 20.98 13.62 -12.07
N VAL C 259 21.56 14.34 -11.10
CA VAL C 259 22.97 14.68 -11.16
C VAL C 259 23.73 14.36 -9.91
N GLY C 260 25.05 14.35 -10.09
CA GLY C 260 25.97 14.17 -9.01
C GLY C 260 27.33 14.73 -9.38
N LEU C 261 28.09 15.06 -8.35
CA LEU C 261 29.44 15.57 -8.51
C LEU C 261 30.35 14.69 -7.70
N HIS C 262 31.43 14.21 -8.33
CA HIS C 262 32.57 13.64 -7.62
C HIS C 262 33.56 14.80 -7.38
N ARG C 263 33.70 15.20 -6.12
CA ARG C 263 34.31 16.49 -5.81
C ARG C 263 35.81 16.50 -6.07
N ALA C 264 36.47 15.44 -5.66
CA ALA C 264 37.92 15.32 -5.83
C ALA C 264 38.33 15.50 -7.29
N SER C 265 37.52 14.99 -8.21
CA SER C 265 37.87 15.02 -9.62
C SER C 265 37.16 16.10 -10.42
N GLY C 266 36.08 16.65 -9.89
CA GLY C 266 35.26 17.59 -10.64
C GLY C 266 34.40 16.96 -11.72
N ARG C 267 34.28 15.63 -11.69
CA ARG C 267 33.39 14.91 -12.59
C ARG C 267 31.93 15.13 -12.19
N MET C 268 31.11 15.53 -13.18
CA MET C 268 29.67 15.60 -13.00
C MET C 268 29.00 14.45 -13.70
N TYR C 269 28.10 13.81 -12.99
CA TYR C 269 27.35 12.70 -13.57
C TYR C 269 25.92 13.17 -13.83
N VAL C 270 25.41 12.88 -15.03
CA VAL C 270 24.09 13.30 -15.50
C VAL C 270 23.40 12.17 -16.26
N PHE C 271 22.11 11.94 -15.98
CA PHE C 271 21.26 11.06 -16.80
C PHE C 271 20.78 11.76 -18.07
N MET C 272 20.90 11.07 -19.20
CA MET C 272 20.61 11.61 -20.53
C MET C 272 19.82 10.64 -21.35
N HIS C 273 19.04 11.18 -22.29
CA HIS C 273 18.32 10.38 -23.29
C HIS C 273 18.23 11.12 -24.64
N PRO C 274 18.18 10.37 -25.76
CA PRO C 274 18.07 11.00 -27.06
C PRO C 274 16.65 11.43 -27.41
N ASP C 275 16.51 12.07 -28.55
CA ASP C 275 15.19 12.42 -29.05
C ASP C 275 14.43 13.22 -28.02
N GLY C 276 15.15 14.11 -27.34
CA GLY C 276 14.57 14.99 -26.37
C GLY C 276 13.65 15.96 -27.07
N LYS C 277 12.60 16.33 -26.35
CA LYS C 277 11.66 17.34 -26.78
C LYS C 277 10.83 17.75 -25.58
N GLU C 278 9.89 18.66 -25.78
CA GLU C 278 8.99 19.10 -24.71
C GLU C 278 8.30 17.91 -24.09
N GLY C 279 8.50 17.77 -22.78
CA GLY C 279 7.85 16.74 -22.00
C GLY C 279 8.66 15.49 -21.74
N THR C 280 9.94 15.47 -22.13
CA THR C 280 10.79 14.31 -21.86
C THR C 280 11.72 14.45 -20.65
N HIS C 281 11.56 15.50 -19.85
CA HIS C 281 12.55 15.85 -18.82
C HIS C 281 12.60 14.86 -17.66
N LYS C 282 11.62 13.96 -17.61
CA LYS C 282 11.60 12.96 -16.56
C LYS C 282 11.79 11.53 -17.12
N PHE C 283 12.23 11.42 -18.37
CA PHE C 283 12.47 10.12 -19.00
C PHE C 283 13.64 9.43 -18.31
N PRO C 284 13.57 8.09 -18.22
CA PRO C 284 14.71 7.30 -17.76
C PRO C 284 15.95 7.49 -18.61
N ALA C 285 17.10 7.26 -18.00
CA ALA C 285 18.36 7.44 -18.66
C ALA C 285 18.60 6.37 -19.70
N ALA C 286 18.83 6.79 -20.95
CA ALA C 286 19.47 5.92 -21.96
C ALA C 286 20.95 5.74 -21.59
N GLU C 287 21.52 6.81 -21.06
CA GLU C 287 22.93 6.84 -20.74
C GLU C 287 23.21 7.69 -19.50
N ILE C 288 24.31 7.36 -18.83
CA ILE C 288 24.95 8.23 -17.86
C ILE C 288 26.16 8.90 -18.54
N TRP C 289 26.22 10.22 -18.47
CA TRP C 289 27.38 10.95 -19.03
C TRP C 289 28.19 11.47 -17.88
N VAL C 290 29.51 11.46 -18.08
CA VAL C 290 30.43 11.87 -17.05
C VAL C 290 31.11 13.06 -17.69
N MET C 291 30.93 14.24 -17.07
CA MET C 291 31.45 15.48 -17.61
C MET C 291 32.57 15.97 -16.76
N ASP C 292 33.62 16.48 -17.39
CA ASP C 292 34.63 17.18 -16.65
C ASP C 292 34.16 18.62 -16.49
N THR C 293 33.86 19.05 -15.26
CA THR C 293 33.37 20.41 -15.04
C THR C 293 34.47 21.48 -15.25
N LYS C 294 35.73 21.11 -15.07
CA LYS C 294 36.85 22.04 -15.27
C LYS C 294 37.11 22.26 -16.76
N THR C 295 37.17 21.17 -17.54
CA THR C 295 37.39 21.26 -19.00
C THR C 295 36.10 21.41 -19.81
N LYS C 296 34.95 21.17 -19.17
CA LYS C 296 33.63 21.26 -19.80
C LYS C 296 33.44 20.27 -20.95
N GLN C 297 34.16 19.14 -20.89
CA GLN C 297 34.09 18.06 -21.87
C GLN C 297 33.51 16.78 -21.30
N ARG C 298 32.81 16.00 -22.13
CA ARG C 298 32.32 14.69 -21.72
C ARG C 298 33.45 13.70 -21.79
N VAL C 299 33.71 13.01 -20.68
CA VAL C 299 34.86 12.10 -20.59
C VAL C 299 34.45 10.63 -20.60
N ALA C 300 33.16 10.36 -20.47
CA ALA C 300 32.66 9.01 -20.58
C ALA C 300 31.16 8.98 -20.83
N ARG C 301 30.70 7.88 -21.40
CA ARG C 301 29.29 7.69 -21.50
C ARG C 301 29.02 6.21 -21.39
N ILE C 302 28.06 5.81 -20.56
CA ILE C 302 27.74 4.37 -20.38
C ILE C 302 26.25 4.16 -20.34
N PRO C 303 25.80 2.91 -20.50
CA PRO C 303 24.37 2.61 -20.45
C PRO C 303 23.72 3.07 -19.14
N GLY C 304 22.55 3.64 -19.26
CA GLY C 304 21.85 4.21 -18.10
C GLY C 304 20.99 3.25 -17.32
N ARG C 305 20.68 2.09 -17.89
CA ARG C 305 19.90 1.06 -17.17
C ARG C 305 18.56 1.63 -16.67
N ASP C 306 17.98 2.51 -17.49
CA ASP C 306 16.71 3.19 -17.20
C ASP C 306 16.63 3.93 -15.87
N ALA C 307 17.78 4.37 -15.37
CA ALA C 307 17.83 5.02 -14.06
C ALA C 307 17.20 6.40 -14.10
N LEU C 308 16.73 6.83 -12.93
CA LEU C 308 16.03 8.11 -12.72
C LEU C 308 16.68 9.02 -11.67
N SER C 309 17.27 8.41 -10.66
CA SER C 309 17.93 9.12 -9.58
C SER C 309 19.23 8.47 -9.22
N MET C 310 20.13 9.29 -8.67
CA MET C 310 21.44 8.83 -8.26
C MET C 310 21.83 9.49 -6.97
N THR C 311 22.97 9.03 -6.43
CA THR C 311 23.66 9.70 -5.36
C THR C 311 25.14 9.28 -5.41
N ILE C 312 26.02 10.12 -4.88
CA ILE C 312 27.46 9.86 -4.91
C ILE C 312 28.01 9.74 -3.51
N ASP C 313 28.93 8.78 -3.31
CA ASP C 313 29.75 8.75 -2.11
C ASP C 313 31.16 9.20 -2.45
N GLN C 314 31.59 10.30 -1.86
CA GLN C 314 32.90 10.90 -2.17
C GLN C 314 34.07 9.99 -1.80
N GLN C 315 34.11 9.58 -0.54
CA GLN C 315 35.24 8.85 0.04
C GLN C 315 35.44 7.46 -0.50
N ARG C 316 34.36 6.74 -0.83
CA ARG C 316 34.50 5.42 -1.44
C ARG C 316 34.45 5.43 -2.97
N ASN C 317 34.21 6.60 -3.57
CA ASN C 317 34.20 6.79 -5.02
C ASN C 317 33.12 5.96 -5.70
N LEU C 318 31.88 6.09 -5.19
CA LEU C 318 30.76 5.27 -5.59
C LEU C 318 29.63 6.16 -6.03
N MET C 319 28.93 5.71 -7.06
CA MET C 319 27.67 6.28 -7.51
C MET C 319 26.63 5.15 -7.39
N LEU C 320 25.47 5.48 -6.82
CA LEU C 320 24.28 4.61 -6.91
C LEU C 320 23.31 5.20 -7.89
N THR C 321 22.68 4.35 -8.70
CA THR C 321 21.57 4.76 -9.52
C THR C 321 20.37 3.90 -9.17
N LEU C 322 19.21 4.39 -9.56
CA LEU C 322 17.94 3.85 -9.08
C LEU C 322 16.92 4.09 -10.17
N ASP C 323 16.32 3.00 -10.65
CA ASP C 323 15.35 3.09 -11.73
C ASP C 323 13.89 3.10 -11.27
N GLY C 324 13.65 3.22 -9.97
CA GLY C 324 12.30 3.09 -9.44
C GLY C 324 12.15 1.87 -8.53
N GLY C 325 12.78 0.76 -8.91
CA GLY C 325 12.79 -0.45 -8.06
C GLY C 325 14.15 -1.07 -7.79
N ASN C 326 15.11 -0.84 -8.70
CA ASN C 326 16.42 -1.48 -8.61
C ASN C 326 17.52 -0.45 -8.41
N VAL C 327 18.51 -0.81 -7.59
CA VAL C 327 19.65 0.06 -7.26
C VAL C 327 20.93 -0.52 -7.89
N ASN C 328 21.63 0.31 -8.66
CA ASN C 328 22.88 -0.09 -9.32
C ASN C 328 24.02 0.58 -8.59
N VAL C 329 25.07 -0.18 -8.26
CA VAL C 329 26.28 0.37 -7.65
C VAL C 329 27.42 0.45 -8.66
N TYR C 330 28.06 1.62 -8.71
CA TYR C 330 29.13 1.86 -9.65
C TYR C 330 30.35 2.34 -8.91
N ASP C 331 31.48 1.80 -9.35
CA ASP C 331 32.77 2.34 -9.00
C ASP C 331 33.01 3.53 -9.90
N ILE C 332 33.22 4.72 -9.32
CA ILE C 332 33.52 5.91 -10.12
C ILE C 332 34.92 6.54 -9.84
N SER C 333 35.85 5.71 -9.35
CA SER C 333 37.25 6.10 -9.12
C SER C 333 37.98 6.51 -10.41
N GLN C 334 37.59 5.91 -11.53
CA GLN C 334 38.12 6.28 -12.84
C GLN C 334 37.04 6.96 -13.69
N PRO C 335 37.44 7.73 -14.73
CA PRO C 335 36.47 8.46 -15.55
C PRO C 335 35.30 7.62 -16.06
N GLU C 336 35.60 6.42 -16.56
CA GLU C 336 34.55 5.48 -16.96
C GLU C 336 34.10 4.77 -15.68
N PRO C 337 32.80 4.82 -15.37
CA PRO C 337 32.29 4.07 -14.22
C PRO C 337 32.23 2.57 -14.50
N LYS C 338 32.43 1.77 -13.46
CA LYS C 338 32.29 0.34 -13.59
C LYS C 338 31.13 -0.13 -12.73
N LEU C 339 30.19 -0.85 -13.34
CA LEU C 339 29.07 -1.45 -12.61
C LEU C 339 29.54 -2.61 -11.73
N LEU C 340 29.28 -2.50 -10.43
CA LEU C 340 29.71 -3.52 -9.48
C LEU C 340 28.59 -4.53 -9.20
N ARG C 341 27.36 -4.04 -9.12
CA ARG C 341 26.23 -4.92 -8.87
C ARG C 341 24.92 -4.20 -9.00
N THR C 342 23.86 -4.99 -9.02
CA THR C 342 22.51 -4.44 -9.02
C THR C 342 21.74 -5.11 -7.89
N ILE C 343 21.05 -4.30 -7.10
CA ILE C 343 20.12 -4.78 -6.10
C ILE C 343 18.69 -4.74 -6.67
N GLU C 344 18.15 -5.90 -7.01
CA GLU C 344 16.85 -5.99 -7.59
C GLU C 344 15.78 -5.92 -6.50
N GLY C 345 14.69 -5.22 -6.80
CA GLY C 345 13.54 -5.17 -5.92
C GLY C 345 13.80 -4.47 -4.60
N ALA C 346 14.63 -3.41 -4.64
CA ALA C 346 14.94 -2.62 -3.45
C ALA C 346 13.76 -1.78 -3.02
N ALA C 347 12.89 -1.46 -3.96
CA ALA C 347 11.70 -0.69 -3.68
C ALA C 347 10.70 -0.94 -4.78
N GLU C 348 9.47 -0.57 -4.49
CA GLU C 348 8.41 -0.56 -5.47
C GLU C 348 8.33 0.74 -6.26
N ALA C 349 8.46 1.88 -5.57
CA ALA C 349 8.39 3.21 -6.24
C ALA C 349 9.32 4.17 -5.50
N SER C 350 10.61 4.05 -5.75
CA SER C 350 11.55 4.94 -5.11
C SER C 350 12.23 5.83 -6.12
N LEU C 351 12.34 7.13 -5.81
CA LEU C 351 13.12 8.05 -6.64
C LEU C 351 14.28 8.68 -5.88
N GLN C 352 14.61 8.10 -4.72
CA GLN C 352 15.71 8.60 -3.92
C GLN C 352 16.46 7.51 -3.17
N VAL C 353 17.77 7.49 -3.35
CA VAL C 353 18.67 6.65 -2.56
C VAL C 353 19.78 7.51 -1.93
N GLN C 354 20.16 7.18 -0.71
CA GLN C 354 21.16 7.97 -0.01
C GLN C 354 22.09 7.03 0.75
N PHE C 355 23.37 7.40 0.76
CA PHE C 355 24.36 6.68 1.56
C PHE C 355 24.29 7.11 3.02
N HIS C 356 24.62 6.18 3.91
CA HIS C 356 24.90 6.54 5.26
C HIS C 356 26.19 7.36 5.26
N PRO C 357 26.22 8.50 6.00
CA PRO C 357 27.41 9.33 6.05
C PRO C 357 28.53 8.69 6.85
N VAL C 358 29.75 8.86 6.36
CA VAL C 358 30.92 8.23 6.96
C VAL C 358 31.99 9.24 7.39
N GLY C 359 32.07 10.38 6.71
CA GLY C 359 33.03 11.43 7.06
C GLY C 359 32.42 12.57 7.85
N ARG D 1 -14.45 27.44 -17.65
CA ARG D 1 -15.24 26.69 -18.69
C ARG D 1 -15.90 25.42 -18.11
N GLU D 2 -15.09 24.61 -17.43
CA GLU D 2 -15.57 23.44 -16.69
C GLU D 2 -15.15 23.60 -15.25
N VAL D 3 -15.90 22.99 -14.33
CA VAL D 3 -15.56 22.95 -12.93
C VAL D 3 -15.69 21.52 -12.46
N LEU D 4 -14.69 21.05 -11.70
CA LEU D 4 -14.72 19.75 -11.05
C LEU D 4 -15.74 19.77 -9.91
N THR D 5 -16.65 18.80 -9.93
CA THR D 5 -17.64 18.61 -8.86
C THR D 5 -17.46 17.25 -8.15
N GLY D 6 -17.81 17.23 -6.87
CA GLY D 6 -17.96 15.98 -6.09
C GLY D 6 -19.40 15.86 -5.58
N GLY D 7 -19.61 15.03 -4.56
CA GLY D 7 -20.95 14.79 -4.01
C GLY D 7 -21.74 13.79 -4.82
N HIS D 8 -21.08 13.06 -5.71
CA HIS D 8 -21.77 12.19 -6.67
C HIS D 8 -22.03 10.80 -6.10
N SER D 9 -23.03 10.15 -6.67
CA SER D 9 -23.34 8.79 -6.30
C SER D 9 -22.73 7.82 -7.28
N VAL D 10 -22.66 6.56 -6.87
CA VAL D 10 -22.25 5.46 -7.72
C VAL D 10 -23.10 5.46 -8.98
N SER D 11 -22.45 5.27 -10.12
CA SER D 11 -23.06 5.52 -11.43
C SER D 11 -24.05 4.41 -11.79
N ALA D 12 -23.73 3.20 -11.33
CA ALA D 12 -24.49 2.01 -11.71
C ALA D 12 -25.53 1.68 -10.63
N PRO D 13 -26.68 1.10 -11.02
CA PRO D 13 -27.69 0.71 -10.02
C PRO D 13 -27.15 -0.28 -8.97
N GLN D 14 -27.70 -0.24 -7.77
CA GLN D 14 -27.29 -1.18 -6.70
C GLN D 14 -27.29 -2.64 -7.12
N GLU D 15 -28.27 -3.00 -7.94
CA GLU D 15 -28.37 -4.36 -8.45
C GLU D 15 -27.18 -4.84 -9.29
N ASN D 16 -26.31 -3.91 -9.73
CA ASN D 16 -25.14 -4.24 -10.53
C ASN D 16 -23.85 -4.39 -9.71
N ARG D 17 -23.92 -4.09 -8.41
CA ARG D 17 -22.72 -3.83 -7.62
C ARG D 17 -22.24 -5.05 -6.87
N ILE D 18 -20.91 -5.18 -6.88
CA ILE D 18 -20.22 -6.16 -6.06
C ILE D 18 -19.08 -5.46 -5.32
N TYR D 19 -18.65 -6.08 -4.23
CA TYR D 19 -17.68 -5.55 -3.31
C TYR D 19 -16.55 -6.53 -3.18
N VAL D 20 -15.36 -6.09 -3.58
CA VAL D 20 -14.16 -6.92 -3.55
C VAL D 20 -13.32 -6.37 -2.43
N MET D 21 -13.14 -7.17 -1.38
CA MET D 21 -12.38 -6.74 -0.21
C MET D 21 -10.92 -6.99 -0.49
N ASP D 22 -10.18 -5.93 -0.83
CA ASP D 22 -8.77 -6.08 -1.14
C ASP D 22 -7.99 -5.87 0.15
N SER D 23 -7.39 -6.96 0.67
CA SER D 23 -6.56 -6.87 1.89
C SER D 23 -5.28 -6.06 1.64
N VAL D 24 -4.80 -6.02 0.39
CA VAL D 24 -3.53 -5.43 0.05
C VAL D 24 -2.49 -5.93 1.07
N PHE D 25 -2.34 -7.22 1.16
CA PHE D 25 -1.46 -7.82 2.18
C PHE D 25 -0.03 -7.27 2.19
N MET D 26 0.52 -6.96 1.03
CA MET D 26 1.86 -6.37 0.95
C MET D 26 1.91 -5.00 1.61
N HIS D 27 0.76 -4.31 1.66
CA HIS D 27 0.60 -3.02 2.36
C HIS D 27 -0.73 -2.99 3.08
N LEU D 28 -0.78 -3.84 4.10
CA LEU D 28 -1.99 -4.17 4.79
C LEU D 28 -2.60 -3.02 5.59
N THR D 29 -1.86 -1.93 5.84
CA THR D 29 -2.45 -0.76 6.50
C THR D 29 -3.26 0.04 5.49
N GLU D 30 -3.22 -0.34 4.22
CA GLU D 30 -4.00 0.37 3.21
C GLU D 30 -4.97 -0.54 2.46
N SER D 31 -5.60 -1.43 3.20
CA SER D 31 -6.62 -2.28 2.65
C SER D 31 -7.80 -1.40 2.20
N ARG D 32 -8.67 -1.96 1.38
CA ARG D 32 -9.81 -1.21 0.88
C ARG D 32 -10.83 -2.12 0.21
N VAL D 33 -12.03 -1.57 0.06
CA VAL D 33 -13.12 -2.23 -0.65
C VAL D 33 -13.23 -1.63 -2.04
N HIS D 34 -13.09 -2.46 -3.07
CA HIS D 34 -13.34 -2.05 -4.44
C HIS D 34 -14.75 -2.40 -4.82
N VAL D 35 -15.47 -1.43 -5.40
CA VAL D 35 -16.85 -1.62 -5.79
C VAL D 35 -16.86 -1.71 -7.31
N TYR D 36 -17.50 -2.74 -7.82
CA TYR D 36 -17.51 -3.05 -9.24
C TYR D 36 -18.91 -3.29 -9.77
N ASP D 37 -19.07 -3.05 -11.06
CA ASP D 37 -20.28 -3.44 -11.76
C ASP D 37 -20.01 -4.84 -12.34
N TYR D 38 -20.73 -5.87 -11.87
CA TYR D 38 -20.42 -7.26 -12.30
C TYR D 38 -20.85 -7.52 -13.75
N THR D 39 -21.76 -6.68 -14.27
CA THR D 39 -22.31 -6.82 -15.63
C THR D 39 -21.30 -6.43 -16.69
N ASN D 40 -20.37 -5.52 -16.39
CA ASN D 40 -19.44 -5.04 -17.38
C ASN D 40 -18.00 -4.80 -16.90
N GLY D 41 -17.76 -4.99 -15.61
CA GLY D 41 -16.42 -4.98 -15.07
C GLY D 41 -15.95 -3.58 -14.73
N LYS D 42 -16.86 -2.61 -14.83
CA LYS D 42 -16.52 -1.22 -14.54
C LYS D 42 -16.27 -0.99 -13.05
N PHE D 43 -15.16 -0.32 -12.76
CA PHE D 43 -14.86 0.17 -11.40
C PHE D 43 -15.78 1.35 -11.05
N LEU D 44 -16.49 1.24 -9.93
CA LEU D 44 -17.48 2.21 -9.51
C LEU D 44 -17.00 3.09 -8.35
N GLY D 45 -16.00 2.61 -7.60
CA GLY D 45 -15.58 3.35 -6.42
C GLY D 45 -14.91 2.47 -5.39
N MET D 46 -14.60 3.06 -4.25
CA MET D 46 -13.91 2.33 -3.22
C MET D 46 -14.15 2.92 -1.86
N VAL D 47 -13.90 2.11 -0.83
CA VAL D 47 -13.98 2.56 0.54
C VAL D 47 -12.71 2.15 1.22
N PRO D 48 -11.94 3.12 1.72
CA PRO D 48 -10.70 2.79 2.38
C PRO D 48 -10.93 2.11 3.71
N THR D 49 -10.12 1.11 4.05
CA THR D 49 -10.39 0.37 5.30
C THR D 49 -9.14 0.13 6.12
N ALA D 50 -8.14 1.00 5.98
CA ALA D 50 -7.04 1.00 6.93
C ALA D 50 -6.42 -0.40 7.11
N PHE D 51 -6.04 -0.78 8.34
CA PHE D 51 -5.39 -2.08 8.57
C PHE D 51 -6.37 -3.27 8.55
N ASN D 52 -6.21 -4.15 7.56
CA ASN D 52 -6.98 -5.42 7.54
C ASN D 52 -8.45 -5.17 7.70
N GLY D 53 -8.98 -4.32 6.83
CA GLY D 53 -10.42 -4.10 6.82
C GLY D 53 -11.23 -5.36 6.55
N HIS D 54 -12.41 -5.39 7.15
CA HIS D 54 -13.46 -6.32 6.81
C HIS D 54 -14.67 -5.49 6.37
N VAL D 55 -15.52 -6.10 5.58
CA VAL D 55 -16.65 -5.40 5.03
C VAL D 55 -17.91 -6.29 4.90
N GLN D 56 -19.06 -5.67 5.07
CA GLN D 56 -20.32 -6.28 4.67
C GLN D 56 -21.28 -5.17 4.28
N VAL D 57 -22.34 -5.53 3.59
CA VAL D 57 -23.37 -4.59 3.19
C VAL D 57 -24.63 -4.79 4.07
N SER D 58 -25.23 -3.68 4.50
CA SER D 58 -26.39 -3.78 5.38
C SER D 58 -27.45 -4.61 4.67
N ASN D 59 -28.23 -5.38 5.43
CA ASN D 59 -29.24 -6.25 4.82
C ASN D 59 -30.23 -5.45 4.00
N ASP D 60 -30.50 -4.21 4.39
CA ASP D 60 -31.46 -3.37 3.68
C ASP D 60 -30.85 -2.72 2.47
N GLY D 61 -29.54 -2.86 2.26
CA GLY D 61 -28.89 -2.36 1.05
C GLY D 61 -28.52 -0.88 1.04
N LYS D 62 -28.73 -0.19 2.14
CA LYS D 62 -28.53 1.24 2.18
C LYS D 62 -27.13 1.62 2.63
N LYS D 63 -26.45 0.74 3.38
CA LYS D 63 -25.21 1.10 4.06
C LYS D 63 -24.19 0.01 3.87
N ILE D 64 -22.93 0.43 3.83
CA ILE D 64 -21.81 -0.49 3.90
C ILE D 64 -21.22 -0.39 5.30
N TYR D 65 -20.97 -1.54 5.91
CA TYR D 65 -20.31 -1.62 7.23
C TYR D 65 -18.88 -2.08 7.00
N THR D 66 -17.94 -1.40 7.64
CA THR D 66 -16.58 -1.87 7.64
C THR D 66 -16.14 -2.06 9.07
N MET D 67 -15.11 -2.87 9.25
CA MET D 67 -14.53 -3.06 10.54
C MET D 67 -13.05 -2.94 10.31
N THR D 68 -12.39 -2.13 11.11
CA THR D 68 -10.94 -1.94 10.94
C THR D 68 -10.29 -1.56 12.27
N THR D 69 -8.96 -1.39 12.22
CA THR D 69 -8.13 -0.96 13.31
C THR D 69 -7.30 0.25 12.90
N TYR D 70 -7.31 1.29 13.75
CA TYR D 70 -6.41 2.45 13.62
C TYR D 70 -5.48 2.51 14.82
N HIS D 71 -4.34 3.17 14.63
CA HIS D 71 -3.54 3.67 15.75
C HIS D 71 -3.18 5.14 15.48
N GLU D 72 -3.01 5.88 16.56
CA GLU D 72 -2.71 7.34 16.51
C GLU D 72 -1.59 7.62 15.53
N ARG D 73 -0.54 6.80 15.57
CA ARG D 73 0.59 6.99 14.68
C ARG D 73 0.86 5.73 13.83
N ILE D 74 -0.22 4.99 13.54
CA ILE D 74 -0.23 3.78 12.70
C ILE D 74 0.53 2.59 13.30
N THR D 75 1.84 2.74 13.40
CA THR D 75 2.72 1.70 13.91
C THR D 75 3.04 1.90 15.38
N ARG D 76 2.48 2.97 15.97
CA ARG D 76 2.53 3.20 17.41
C ARG D 76 1.33 4.07 17.80
N GLY D 77 1.15 4.28 19.10
CA GLY D 77 0.05 5.09 19.60
C GLY D 77 -1.13 4.21 19.95
N LYS D 78 -2.17 4.83 20.46
CA LYS D 78 -3.34 4.13 20.94
C LYS D 78 -4.12 3.48 19.80
N ARG D 79 -4.59 2.27 20.06
CA ARG D 79 -5.41 1.49 19.13
C ARG D 79 -6.89 1.88 19.25
N SER D 80 -7.54 2.00 18.12
CA SER D 80 -8.99 2.13 18.05
C SER D 80 -9.49 1.08 17.03
N ASP D 81 -10.19 0.08 17.55
CA ASP D 81 -10.95 -0.84 16.69
C ASP D 81 -12.34 -0.25 16.57
N VAL D 82 -12.89 -0.30 15.37
CA VAL D 82 -14.14 0.35 15.07
C VAL D 82 -14.90 -0.42 14.00
N VAL D 83 -16.21 -0.25 14.03
CA VAL D 83 -17.08 -0.49 12.90
C VAL D 83 -17.37 0.89 12.33
N GLU D 84 -17.37 1.00 11.01
CA GLU D 84 -17.82 2.22 10.34
C GLU D 84 -19.03 1.95 9.51
N VAL D 85 -19.92 2.92 9.49
CA VAL D 85 -21.08 2.94 8.64
C VAL D 85 -20.83 3.98 7.58
N TRP D 86 -20.93 3.54 6.33
CA TRP D 86 -20.78 4.35 5.14
C TRP D 86 -22.05 4.25 4.33
N ASP D 87 -22.40 5.32 3.63
CA ASP D 87 -23.53 5.32 2.71
C ASP D 87 -23.17 4.54 1.46
N ALA D 88 -24.05 3.62 1.08
CA ALA D 88 -23.81 2.74 -0.07
C ALA D 88 -23.78 3.46 -1.43
N ASP D 89 -24.57 4.51 -1.56
CA ASP D 89 -24.67 5.19 -2.84
C ASP D 89 -23.60 6.30 -2.97
N LYS D 90 -23.37 7.06 -1.90
CA LYS D 90 -22.38 8.13 -1.92
C LYS D 90 -20.97 7.64 -1.56
N LEU D 91 -20.87 6.42 -1.04
CA LEU D 91 -19.56 5.91 -0.54
C LEU D 91 -18.81 6.91 0.34
N THR D 92 -19.56 7.47 1.30
CA THR D 92 -19.05 8.43 2.25
C THR D 92 -19.21 7.92 3.66
N PHE D 93 -18.26 8.30 4.52
CA PHE D 93 -18.28 7.94 5.91
C PHE D 93 -19.44 8.65 6.62
N GLU D 94 -20.20 7.93 7.44
CA GLU D 94 -21.27 8.53 8.20
C GLU D 94 -20.95 8.48 9.68
N LYS D 95 -20.55 7.32 10.19
CA LYS D 95 -20.23 7.23 11.61
C LYS D 95 -19.32 6.07 12.01
N GLU D 96 -18.78 6.20 13.21
CA GLU D 96 -17.85 5.26 13.79
C GLU D 96 -18.47 4.71 15.06
N ILE D 97 -18.36 3.41 15.25
CA ILE D 97 -18.83 2.75 16.46
C ILE D 97 -17.62 2.11 17.12
N SER D 98 -17.30 2.51 18.36
CA SER D 98 -16.19 1.96 19.07
C SER D 98 -16.43 0.52 19.46
N LEU D 99 -15.36 -0.26 19.32
CA LEU D 99 -15.31 -1.65 19.71
C LEU D 99 -14.23 -1.76 20.76
N PRO D 100 -14.28 -2.79 21.61
CA PRO D 100 -13.09 -3.01 22.43
C PRO D 100 -11.91 -3.45 21.53
N PRO D 101 -10.67 -3.18 21.95
CA PRO D 101 -9.51 -3.42 21.08
C PRO D 101 -9.12 -4.90 20.96
N LYS D 102 -10.02 -5.69 20.38
CA LYS D 102 -9.78 -7.12 20.20
C LYS D 102 -10.58 -7.69 19.03
N ARG D 103 -10.97 -6.86 18.05
CA ARG D 103 -11.62 -7.38 16.88
C ARG D 103 -10.62 -8.24 16.13
N VAL D 104 -11.12 -9.32 15.55
CA VAL D 104 -10.26 -10.26 14.84
C VAL D 104 -9.50 -9.58 13.72
N GLN D 105 -8.21 -9.81 13.71
CA GLN D 105 -7.35 -9.38 12.63
C GLN D 105 -6.92 -10.66 11.90
N GLY D 106 -7.37 -10.81 10.66
CA GLY D 106 -7.20 -12.03 9.90
C GLY D 106 -7.85 -11.94 8.53
N LEU D 107 -7.65 -12.98 7.74
CA LEU D 107 -8.14 -13.06 6.37
C LEU D 107 -9.67 -13.01 6.35
N ASN D 108 -10.20 -12.51 5.24
CA ASN D 108 -11.60 -12.14 5.11
C ASN D 108 -12.59 -13.29 4.88
N TYR D 109 -12.61 -14.21 5.82
CA TYR D 109 -13.70 -15.16 5.87
C TYR D 109 -14.99 -14.40 6.16
N ASP D 110 -16.07 -14.74 5.44
CA ASP D 110 -17.39 -14.13 5.66
C ASP D 110 -17.75 -14.13 7.15
N GLY D 111 -17.51 -15.24 7.83
CA GLY D 111 -18.03 -15.47 9.18
C GLY D 111 -17.36 -14.71 10.31
N LEU D 112 -16.38 -13.87 9.98
CA LEU D 112 -15.78 -13.02 10.99
C LEU D 112 -16.51 -11.69 11.23
N PHE D 113 -17.34 -11.30 10.29
CA PHE D 113 -18.00 -10.00 10.30
C PHE D 113 -19.34 -10.16 9.61
N ARG D 114 -20.40 -10.31 10.40
CA ARG D 114 -21.73 -10.67 9.87
C ARG D 114 -22.83 -9.79 10.50
N GLN D 115 -24.08 -10.14 10.25
CA GLN D 115 -25.19 -9.47 10.91
C GLN D 115 -26.32 -10.44 11.12
N THR D 116 -27.15 -10.15 12.10
CA THR D 116 -28.35 -10.96 12.33
C THR D 116 -29.25 -10.85 11.11
N THR D 117 -30.15 -11.81 10.91
CA THR D 117 -30.98 -11.81 9.70
C THR D 117 -31.85 -10.57 9.65
N ASP D 118 -32.29 -10.08 10.81
CA ASP D 118 -33.15 -8.88 10.85
C ASP D 118 -32.38 -7.58 10.60
N GLY D 119 -31.05 -7.66 10.47
CA GLY D 119 -30.21 -6.48 10.19
C GLY D 119 -29.97 -5.57 11.38
N LYS D 120 -30.49 -5.92 12.55
CA LYS D 120 -30.47 -5.03 13.69
C LYS D 120 -29.20 -5.10 14.48
N PHE D 121 -28.44 -6.19 14.33
CA PHE D 121 -27.16 -6.36 15.01
C PHE D 121 -26.07 -6.79 14.07
N ILE D 122 -24.92 -6.14 14.23
CA ILE D 122 -23.68 -6.57 13.59
C ILE D 122 -23.04 -7.54 14.58
N VAL D 123 -22.58 -8.66 14.06
CA VAL D 123 -22.04 -9.72 14.91
C VAL D 123 -20.66 -10.02 14.42
N LEU D 124 -19.65 -9.82 15.27
CA LEU D 124 -18.26 -9.93 14.83
C LEU D 124 -17.42 -10.89 15.71
N GLN D 125 -16.35 -11.43 15.14
CA GLN D 125 -15.40 -12.24 15.90
C GLN D 125 -14.34 -11.40 16.62
N ASN D 126 -14.20 -11.66 17.92
CA ASN D 126 -13.09 -11.12 18.71
C ASN D 126 -12.04 -12.19 18.97
N ALA D 127 -10.79 -11.75 19.14
CA ALA D 127 -9.72 -12.61 19.62
C ALA D 127 -8.69 -11.74 20.33
N SER D 128 -8.44 -12.03 21.60
CA SER D 128 -7.52 -11.22 22.38
C SER D 128 -6.18 -11.84 22.84
N PRO D 129 -6.02 -13.17 22.85
CA PRO D 129 -6.46 -14.10 21.78
C PRO D 129 -7.61 -15.00 22.20
N ALA D 130 -8.06 -14.92 23.44
CA ALA D 130 -9.29 -15.61 23.87
C ALA D 130 -10.44 -15.16 22.96
N THR D 131 -11.22 -16.11 22.46
CA THR D 131 -12.29 -15.79 21.53
C THR D 131 -13.60 -15.45 22.25
N SER D 132 -14.28 -14.46 21.68
CA SER D 132 -15.61 -14.11 22.07
C SER D 132 -16.28 -13.48 20.84
N ILE D 133 -17.58 -13.42 20.84
CA ILE D 133 -18.29 -12.75 19.75
C ILE D 133 -18.77 -11.40 20.26
N GLY D 134 -18.55 -10.35 19.46
CA GLY D 134 -19.03 -9.02 19.78
C GLY D 134 -20.32 -8.67 19.05
N ILE D 135 -21.19 -7.94 19.76
CA ILE D 135 -22.49 -7.55 19.24
C ILE D 135 -22.56 -6.06 19.24
N VAL D 136 -22.91 -5.51 18.07
CA VAL D 136 -23.07 -4.08 17.90
C VAL D 136 -24.52 -3.84 17.52
N ASP D 137 -25.15 -2.91 18.26
CA ASP D 137 -26.51 -2.51 18.02
C ASP D 137 -26.52 -1.40 16.96
N VAL D 138 -27.12 -1.73 15.83
CA VAL D 138 -27.14 -0.83 14.68
C VAL D 138 -27.99 0.42 15.00
N ALA D 139 -29.17 0.25 15.58
CA ALA D 139 -29.98 1.44 15.96
C ALA D 139 -29.24 2.37 16.95
N LYS D 140 -28.66 1.81 17.99
CA LYS D 140 -27.97 2.63 18.97
C LYS D 140 -26.65 3.17 18.47
N GLY D 141 -26.01 2.45 17.55
CA GLY D 141 -24.66 2.78 17.14
C GLY D 141 -23.70 2.51 18.29
N ASP D 142 -23.92 1.39 18.98
CA ASP D 142 -23.12 1.02 20.15
C ASP D 142 -22.81 -0.48 20.21
N TYR D 143 -21.65 -0.80 20.73
CA TYR D 143 -21.29 -2.13 21.15
C TYR D 143 -22.08 -2.47 22.40
N VAL D 144 -22.82 -3.59 22.40
CA VAL D 144 -23.79 -3.87 23.46
C VAL D 144 -23.65 -5.21 24.18
N GLU D 145 -22.76 -6.08 23.71
CA GLU D 145 -22.66 -7.41 24.28
C GLU D 145 -21.38 -8.07 23.80
N ASP D 146 -20.69 -8.72 24.73
CA ASP D 146 -19.57 -9.60 24.44
C ASP D 146 -20.01 -11.01 24.84
N VAL D 147 -20.13 -11.90 23.87
CA VAL D 147 -20.57 -13.26 24.10
C VAL D 147 -19.36 -14.13 24.45
N THR D 148 -19.10 -14.22 25.74
CA THR D 148 -18.00 -15.01 26.24
C THR D 148 -18.36 -16.49 26.21
N ALA D 149 -19.65 -16.79 26.07
CA ALA D 149 -20.07 -18.18 25.96
C ALA D 149 -19.42 -18.82 24.75
N ALA D 150 -18.99 -18.00 23.79
CA ALA D 150 -18.39 -18.52 22.56
C ALA D 150 -16.86 -18.71 22.65
N ALA D 151 -16.28 -18.63 23.84
CA ALA D 151 -14.85 -18.89 23.96
C ALA D 151 -14.57 -20.30 23.48
N GLY D 152 -13.46 -20.47 22.77
CA GLY D 152 -13.11 -21.78 22.20
C GLY D 152 -13.86 -22.10 20.92
N CYS D 153 -14.65 -21.14 20.43
CA CYS D 153 -15.37 -21.29 19.16
C CYS D 153 -14.84 -20.27 18.16
N TRP D 154 -15.38 -20.33 16.94
CA TRP D 154 -14.88 -19.49 15.87
C TRP D 154 -15.90 -19.32 14.75
N SER D 155 -16.07 -18.06 14.38
CA SER D 155 -16.90 -17.65 13.24
C SER D 155 -18.39 -17.63 13.55
N VAL D 156 -19.11 -16.86 12.73
CA VAL D 156 -20.49 -16.52 12.98
C VAL D 156 -21.30 -17.01 11.78
N ILE D 157 -22.26 -17.87 12.03
CA ILE D 157 -23.16 -18.34 10.99
C ILE D 157 -24.55 -17.86 11.36
N PRO D 158 -25.04 -16.82 10.69
CA PRO D 158 -26.40 -16.37 10.97
C PRO D 158 -27.42 -17.44 10.57
N GLN D 159 -28.51 -17.52 11.34
CA GLN D 159 -29.61 -18.42 11.01
C GLN D 159 -30.66 -17.62 10.22
N PRO D 160 -30.79 -17.91 8.92
CA PRO D 160 -31.71 -17.12 8.09
C PRO D 160 -33.22 -17.22 8.41
N ASN D 161 -33.59 -18.16 9.27
CA ASN D 161 -35.00 -18.40 9.67
C ASN D 161 -35.38 -17.77 11.03
N ARG D 162 -34.47 -17.00 11.60
CA ARG D 162 -34.71 -16.32 12.87
C ARG D 162 -34.13 -14.94 12.81
N PRO D 163 -34.82 -13.95 13.41
CA PRO D 163 -34.33 -12.58 13.42
C PRO D 163 -32.98 -12.31 14.03
N ARG D 164 -32.61 -12.98 15.13
CA ARG D 164 -31.38 -12.58 15.81
C ARG D 164 -30.71 -13.72 16.54
N SER D 165 -30.52 -14.80 15.78
CA SER D 165 -29.83 -15.99 16.21
C SER D 165 -28.71 -16.31 15.24
N PHE D 166 -27.66 -16.90 15.80
CA PHE D 166 -26.57 -17.36 14.98
C PHE D 166 -25.87 -18.48 15.66
N MET D 167 -25.06 -19.19 14.87
CA MET D 167 -24.25 -20.27 15.35
C MET D 167 -22.75 -19.98 15.23
N THR D 168 -21.96 -20.68 16.03
CA THR D 168 -20.52 -20.65 15.85
C THR D 168 -20.02 -22.09 15.98
N ILE D 169 -18.83 -22.36 15.44
CA ILE D 169 -18.21 -23.68 15.46
C ILE D 169 -17.23 -23.76 16.63
N CYS D 170 -17.40 -24.79 17.45
CA CYS D 170 -16.56 -24.93 18.61
C CYS D 170 -15.57 -26.07 18.52
N GLY D 171 -14.59 -26.01 19.41
CA GLY D 171 -13.47 -26.91 19.35
C GLY D 171 -13.75 -28.32 19.83
N ASP D 172 -14.94 -28.55 20.36
CA ASP D 172 -15.48 -29.91 20.59
C ASP D 172 -16.10 -30.56 19.34
N GLY D 173 -16.14 -29.82 18.24
CA GLY D 173 -16.70 -30.35 17.00
C GLY D 173 -18.21 -30.14 16.91
N GLY D 174 -18.75 -29.38 17.85
CA GLY D 174 -20.16 -29.04 17.84
C GLY D 174 -20.40 -27.59 17.49
N LEU D 175 -21.68 -27.22 17.44
CA LEU D 175 -22.09 -25.85 17.18
C LEU D 175 -22.77 -25.26 18.41
N LEU D 176 -22.43 -24.02 18.71
CA LEU D 176 -23.11 -23.26 19.75
C LEU D 176 -24.08 -22.30 19.04
N THR D 177 -25.34 -22.35 19.44
CA THR D 177 -26.34 -21.41 18.98
C THR D 177 -26.56 -20.34 20.03
N ILE D 178 -26.57 -19.08 19.57
CA ILE D 178 -26.84 -17.94 20.41
C ILE D 178 -28.10 -17.22 19.95
N ASN D 179 -29.03 -17.02 20.87
CA ASN D 179 -30.25 -16.31 20.55
C ASN D 179 -30.21 -15.03 21.32
N LEU D 180 -30.18 -13.93 20.59
CA LEU D 180 -30.13 -12.61 21.19
C LEU D 180 -31.53 -12.11 21.56
N GLY D 181 -31.62 -11.35 22.65
CA GLY D 181 -32.80 -10.56 22.98
C GLY D 181 -32.86 -9.30 22.13
N GLU D 182 -33.93 -8.54 22.25
CA GLU D 182 -34.06 -7.30 21.48
C GLU D 182 -33.05 -6.21 21.91
N ASP D 183 -32.43 -6.38 23.07
CA ASP D 183 -31.38 -5.47 23.53
C ASP D 183 -29.98 -5.88 23.07
N GLY D 184 -29.91 -7.04 22.40
CA GLY D 184 -28.66 -7.51 21.81
C GLY D 184 -27.83 -8.31 22.79
N LYS D 185 -28.41 -8.60 23.96
CA LYS D 185 -27.76 -9.47 24.89
C LYS D 185 -28.28 -10.88 24.67
N VAL D 186 -27.59 -11.85 25.23
CA VAL D 186 -27.93 -13.24 25.01
C VAL D 186 -29.18 -13.61 25.83
N ALA D 187 -30.25 -13.97 25.13
CA ALA D 187 -31.50 -14.38 25.74
C ALA D 187 -31.47 -15.87 26.04
N SER D 188 -30.91 -16.68 25.13
CA SER D 188 -30.76 -18.11 25.32
C SER D 188 -29.62 -18.65 24.48
N GLN D 189 -29.11 -19.82 24.85
CA GLN D 189 -28.10 -20.51 24.06
C GLN D 189 -28.29 -22.01 24.13
N SER D 190 -27.71 -22.73 23.17
CA SER D 190 -27.70 -24.19 23.19
C SER D 190 -26.50 -24.74 22.45
N ARG D 191 -26.08 -25.94 22.83
CA ARG D 191 -24.95 -26.55 22.15
C ARG D 191 -25.40 -27.85 21.52
N SER D 192 -25.04 -28.05 20.25
CA SER D 192 -25.36 -29.28 19.54
C SER D 192 -24.53 -30.44 20.04
N LYS D 193 -24.89 -31.63 19.61
CA LYS D 193 -24.01 -32.78 19.70
C LYS D 193 -22.82 -32.56 18.79
N GLN D 194 -21.77 -33.36 18.97
CA GLN D 194 -20.60 -33.32 18.10
C GLN D 194 -21.03 -33.59 16.66
N MET D 195 -20.71 -32.68 15.75
CA MET D 195 -20.98 -32.86 14.33
C MET D 195 -19.83 -33.58 13.63
N PHE D 196 -18.60 -33.12 13.92
CA PHE D 196 -17.42 -33.63 13.25
C PHE D 196 -16.30 -33.87 14.28
N SER D 197 -15.38 -34.74 13.90
CA SER D 197 -14.21 -35.02 14.67
C SER D 197 -13.24 -33.94 14.29
N VAL D 198 -12.89 -33.11 15.25
CA VAL D 198 -11.90 -32.08 15.02
C VAL D 198 -10.57 -32.70 14.59
N LYS D 199 -10.13 -33.78 15.22
CA LYS D 199 -8.83 -34.37 14.93
C LYS D 199 -8.83 -35.16 13.62
N ASP D 200 -9.89 -35.93 13.37
CA ASP D 200 -9.91 -36.86 12.25
C ASP D 200 -10.47 -36.31 10.93
N ASP D 201 -11.36 -35.33 10.99
CA ASP D 201 -12.03 -34.86 9.76
C ASP D 201 -12.40 -33.39 9.95
N PRO D 202 -11.40 -32.52 10.13
CA PRO D 202 -11.72 -31.12 10.40
C PRO D 202 -12.49 -30.51 9.25
N ILE D 203 -13.48 -29.70 9.58
CA ILE D 203 -14.25 -29.03 8.55
C ILE D 203 -13.66 -27.64 8.23
N PHE D 204 -13.91 -27.19 7.01
CA PHE D 204 -13.78 -25.77 6.68
C PHE D 204 -14.91 -24.97 7.35
N ILE D 205 -14.59 -23.76 7.80
CA ILE D 205 -15.56 -22.95 8.53
C ILE D 205 -16.64 -22.33 7.64
N ALA D 206 -16.38 -22.22 6.33
CA ALA D 206 -17.32 -21.57 5.41
C ALA D 206 -18.61 -22.38 5.23
N PRO D 207 -19.75 -21.82 5.64
CA PRO D 207 -20.93 -22.63 5.50
C PRO D 207 -21.50 -22.54 4.09
N ALA D 208 -22.17 -23.62 3.68
CA ALA D 208 -23.07 -23.58 2.55
C ALA D 208 -24.45 -23.43 3.17
N LEU D 209 -24.95 -22.20 3.20
CA LEU D 209 -26.03 -21.84 4.10
C LEU D 209 -27.39 -21.78 3.38
N ASP D 210 -28.35 -22.54 3.91
CA ASP D 210 -29.73 -22.62 3.41
C ASP D 210 -30.59 -21.87 4.44
N LYS D 211 -31.88 -21.74 4.17
CA LYS D 211 -32.83 -21.08 5.07
C LYS D 211 -32.79 -21.66 6.50
N ASP D 212 -32.76 -22.99 6.62
CA ASP D 212 -32.93 -23.65 7.92
C ASP D 212 -31.86 -24.71 8.20
N LYS D 213 -30.79 -24.70 7.42
CA LYS D 213 -29.71 -25.66 7.64
C LYS D 213 -28.42 -25.19 6.97
N ALA D 214 -27.28 -25.68 7.45
CA ALA D 214 -25.99 -25.33 6.87
C ALA D 214 -25.24 -26.61 6.57
N HIS D 215 -24.49 -26.61 5.48
CA HIS D 215 -23.61 -27.71 5.12
C HIS D 215 -22.17 -27.21 5.20
N PHE D 216 -21.26 -28.08 5.65
CA PHE D 216 -19.85 -27.78 5.75
C PHE D 216 -19.08 -28.88 5.03
N VAL D 217 -17.94 -28.55 4.43
CA VAL D 217 -17.10 -29.58 3.80
C VAL D 217 -15.86 -29.79 4.64
N SER D 218 -15.28 -30.98 4.58
CA SER D 218 -14.10 -31.28 5.38
C SER D 218 -12.84 -31.31 4.53
N TYR D 219 -11.70 -31.30 5.23
CA TYR D 219 -10.40 -31.41 4.58
C TYR D 219 -10.30 -32.60 3.64
N TYR D 220 -11.08 -33.66 3.93
CA TYR D 220 -11.00 -34.93 3.19
C TYR D 220 -12.15 -35.18 2.23
N GLY D 221 -12.97 -34.16 2.02
CA GLY D 221 -14.00 -34.19 1.01
C GLY D 221 -15.30 -34.77 1.54
N ASN D 222 -15.47 -34.77 2.86
CA ASN D 222 -16.77 -35.11 3.46
C ASN D 222 -17.67 -33.91 3.71
N VAL D 223 -18.96 -34.17 3.80
CA VAL D 223 -19.97 -33.13 4.04
C VAL D 223 -20.76 -33.39 5.31
N TYR D 224 -20.90 -32.35 6.14
CA TYR D 224 -21.60 -32.40 7.43
C TYR D 224 -22.66 -31.35 7.42
N SER D 225 -23.73 -31.54 8.18
CA SER D 225 -24.81 -30.60 8.15
C SER D 225 -25.35 -30.33 9.54
N ALA D 226 -25.79 -29.09 9.73
CA ALA D 226 -26.44 -28.63 10.93
C ALA D 226 -27.83 -28.12 10.53
N ASP D 227 -28.85 -28.76 11.08
CA ASP D 227 -30.22 -28.43 10.81
C ASP D 227 -30.78 -27.60 11.95
N PHE D 228 -31.19 -26.37 11.64
CA PHE D 228 -31.68 -25.45 12.67
C PHE D 228 -33.11 -25.01 12.36
N SER D 229 -33.89 -25.93 11.81
CA SER D 229 -35.32 -25.74 11.61
C SER D 229 -36.02 -25.65 12.97
N GLY D 230 -35.42 -26.26 13.98
CA GLY D 230 -35.91 -26.16 15.35
C GLY D 230 -34.97 -25.48 16.33
N ASP D 231 -35.42 -25.40 17.58
CA ASP D 231 -34.72 -24.65 18.59
C ASP D 231 -33.37 -25.27 18.93
N GLU D 232 -33.29 -26.59 18.86
CA GLU D 232 -32.04 -27.33 19.02
C GLU D 232 -31.45 -27.75 17.67
N VAL D 233 -30.17 -27.46 17.47
CA VAL D 233 -29.47 -27.85 16.26
C VAL D 233 -29.23 -29.36 16.21
N LYS D 234 -29.61 -29.99 15.10
CA LYS D 234 -29.44 -31.42 14.86
C LYS D 234 -28.36 -31.56 13.79
N VAL D 235 -27.35 -32.37 14.10
CA VAL D 235 -26.17 -32.47 13.25
C VAL D 235 -26.14 -33.83 12.59
N ASP D 236 -25.52 -33.93 11.42
CA ASP D 236 -25.32 -35.23 10.76
C ASP D 236 -24.17 -35.18 9.77
N GLY D 237 -23.86 -36.34 9.18
CA GLY D 237 -22.72 -36.53 8.32
C GLY D 237 -21.69 -37.45 8.99
N PRO D 238 -20.73 -37.95 8.22
CA PRO D 238 -20.35 -37.37 6.93
C PRO D 238 -21.01 -38.13 5.79
N TRP D 239 -21.24 -37.45 4.68
CA TRP D 239 -21.28 -38.15 3.41
C TRP D 239 -20.14 -37.61 2.55
N SER D 240 -19.64 -38.43 1.63
CA SER D 240 -18.48 -38.07 0.81
C SER D 240 -18.87 -37.36 -0.46
N LEU D 241 -18.09 -36.32 -0.77
CA LEU D 241 -18.25 -35.61 -2.04
C LEU D 241 -17.74 -36.45 -3.20
N LEU D 242 -17.01 -37.50 -2.87
CA LEU D 242 -16.22 -38.25 -3.83
C LEU D 242 -16.90 -39.54 -4.21
N ASN D 243 -16.94 -39.83 -5.51
CA ASN D 243 -17.28 -41.18 -6.01
C ASN D 243 -15.99 -42.00 -6.19
N ASP D 244 -16.10 -43.25 -6.64
CA ASP D 244 -14.95 -44.15 -6.70
C ASP D 244 -13.84 -43.66 -7.64
N GLU D 245 -14.22 -43.13 -8.80
CA GLU D 245 -13.25 -42.54 -9.74
C GLU D 245 -12.53 -41.31 -9.17
N ASP D 246 -13.24 -40.52 -8.38
CA ASP D 246 -12.66 -39.32 -7.79
C ASP D 246 -11.57 -39.69 -6.79
N LYS D 247 -11.73 -40.88 -6.20
CA LYS D 247 -10.84 -41.29 -5.15
C LYS D 247 -9.45 -41.62 -5.66
N ALA D 248 -9.37 -42.08 -6.91
CA ALA D 248 -8.08 -42.43 -7.52
C ALA D 248 -7.13 -41.25 -7.54
N LYS D 249 -7.67 -40.07 -7.87
CA LYS D 249 -6.87 -38.87 -8.01
C LYS D 249 -6.81 -38.02 -6.74
N ASN D 250 -7.29 -38.56 -5.62
CA ASN D 250 -7.21 -37.87 -4.32
C ASN D 250 -7.84 -36.47 -4.32
N TRP D 251 -9.01 -36.34 -4.95
CA TRP D 251 -9.70 -35.06 -4.98
C TRP D 251 -10.08 -34.65 -3.55
N VAL D 252 -9.80 -33.39 -3.21
CA VAL D 252 -10.19 -32.82 -1.92
C VAL D 252 -10.54 -31.35 -2.10
N PRO D 253 -11.33 -30.78 -1.15
CA PRO D 253 -11.60 -29.36 -1.26
C PRO D 253 -10.39 -28.52 -0.91
N GLY D 254 -10.39 -27.29 -1.41
CA GLY D 254 -9.41 -26.28 -1.05
C GLY D 254 -9.90 -24.88 -1.34
N GLY D 255 -9.57 -23.97 -0.45
CA GLY D 255 -9.84 -22.54 -0.64
C GLY D 255 -10.07 -21.85 0.66
N TYR D 256 -10.71 -20.70 0.60
CA TYR D 256 -11.03 -19.91 1.79
C TYR D 256 -12.55 -19.82 1.96
N ASN D 257 -13.20 -18.89 1.27
CA ASN D 257 -14.67 -18.88 1.16
C ASN D 257 -15.06 -19.81 0.02
N LEU D 258 -14.89 -21.10 0.26
CA LEU D 258 -14.80 -22.09 -0.82
C LEU D 258 -16.08 -22.81 -1.22
N VAL D 259 -17.17 -22.53 -0.51
CA VAL D 259 -18.45 -23.20 -0.77
C VAL D 259 -19.56 -22.18 -0.90
N GLY D 260 -20.64 -22.64 -1.48
CA GLY D 260 -21.84 -21.85 -1.62
C GLY D 260 -23.03 -22.75 -1.82
N LEU D 261 -24.19 -22.24 -1.48
CA LEU D 261 -25.43 -22.98 -1.71
C LEU D 261 -26.37 -22.13 -2.55
N HIS D 262 -26.87 -22.72 -3.61
CA HIS D 262 -28.02 -22.19 -4.33
C HIS D 262 -29.27 -22.79 -3.68
N ARG D 263 -29.95 -22.00 -2.87
CA ARG D 263 -31.03 -22.52 -2.03
C ARG D 263 -32.21 -23.11 -2.79
N ALA D 264 -32.64 -22.49 -3.87
CA ALA D 264 -33.83 -22.99 -4.57
C ALA D 264 -33.62 -24.40 -5.16
N SER D 265 -32.41 -24.69 -5.64
CA SER D 265 -32.13 -25.98 -6.28
C SER D 265 -31.53 -26.99 -5.31
N GLY D 266 -30.98 -26.51 -4.21
CA GLY D 266 -30.23 -27.35 -3.27
C GLY D 266 -28.81 -27.61 -3.71
N ARG D 267 -28.38 -26.93 -4.78
CA ARG D 267 -27.07 -27.13 -5.36
C ARG D 267 -25.98 -26.48 -4.53
N MET D 268 -25.00 -27.30 -4.12
CA MET D 268 -23.86 -26.81 -3.37
C MET D 268 -22.64 -26.80 -4.28
N TYR D 269 -21.91 -25.69 -4.22
CA TYR D 269 -20.74 -25.43 -5.09
C TYR D 269 -19.52 -25.50 -4.19
N VAL D 270 -18.50 -26.22 -4.65
CA VAL D 270 -17.28 -26.44 -3.84
C VAL D 270 -16.03 -26.40 -4.71
N PHE D 271 -14.99 -25.70 -4.24
CA PHE D 271 -13.70 -25.68 -4.93
C PHE D 271 -12.92 -26.91 -4.57
N MET D 272 -12.38 -27.57 -5.60
CA MET D 272 -11.75 -28.85 -5.44
C MET D 272 -10.43 -28.87 -6.20
N HIS D 273 -9.51 -29.70 -5.71
CA HIS D 273 -8.30 -30.00 -6.48
C HIS D 273 -7.88 -31.47 -6.31
N PRO D 274 -7.14 -32.01 -7.28
CA PRO D 274 -6.64 -33.38 -7.13
C PRO D 274 -5.33 -33.40 -6.33
N ASP D 275 -4.84 -34.60 -6.09
CA ASP D 275 -3.55 -34.78 -5.45
C ASP D 275 -3.56 -34.19 -4.06
N GLY D 276 -4.69 -34.36 -3.39
CA GLY D 276 -4.92 -33.91 -2.06
C GLY D 276 -4.03 -34.63 -1.08
N LYS D 277 -3.56 -33.88 -0.10
CA LYS D 277 -2.73 -34.41 0.98
C LYS D 277 -2.59 -33.37 2.05
N GLU D 278 -1.98 -33.75 3.16
CA GLU D 278 -1.77 -32.80 4.25
C GLU D 278 -1.13 -31.51 3.73
N GLY D 279 -1.76 -30.38 4.03
CA GLY D 279 -1.27 -29.06 3.65
C GLY D 279 -1.86 -28.49 2.37
N THR D 280 -2.84 -29.16 1.75
CA THR D 280 -3.37 -28.65 0.48
C THR D 280 -4.75 -27.99 0.62
N HIS D 281 -5.19 -27.75 1.86
CA HIS D 281 -6.57 -27.27 2.09
C HIS D 281 -6.84 -25.81 1.67
N LYS D 282 -5.79 -25.06 1.37
CA LYS D 282 -5.96 -23.71 0.79
C LYS D 282 -5.53 -23.58 -0.66
N PHE D 283 -5.35 -24.72 -1.34
CA PHE D 283 -4.91 -24.75 -2.73
C PHE D 283 -6.02 -24.22 -3.60
N PRO D 284 -5.64 -23.52 -4.68
CA PRO D 284 -6.60 -23.07 -5.69
C PRO D 284 -7.41 -24.22 -6.31
N ALA D 285 -8.60 -23.89 -6.77
CA ALA D 285 -9.51 -24.83 -7.41
C ALA D 285 -9.02 -25.24 -8.77
N ALA D 286 -8.78 -26.54 -8.96
CA ALA D 286 -8.65 -27.13 -10.29
C ALA D 286 -10.05 -27.18 -10.91
N GLU D 287 -11.03 -27.48 -10.07
CA GLU D 287 -12.40 -27.54 -10.51
C GLU D 287 -13.38 -26.98 -9.48
N ILE D 288 -14.55 -26.63 -9.98
CA ILE D 288 -15.71 -26.35 -9.17
C ILE D 288 -16.63 -27.55 -9.38
N TRP D 289 -17.02 -28.19 -8.29
CA TRP D 289 -18.03 -29.27 -8.34
C TRP D 289 -19.35 -28.75 -7.87
N VAL D 290 -20.42 -29.24 -8.51
CA VAL D 290 -21.76 -28.84 -8.17
C VAL D 290 -22.46 -30.09 -7.67
N MET D 291 -22.91 -30.04 -6.42
CA MET D 291 -23.47 -31.20 -5.75
C MET D 291 -24.95 -30.97 -5.50
N ASP D 292 -25.77 -31.99 -5.76
CA ASP D 292 -27.15 -31.96 -5.32
C ASP D 292 -27.14 -32.42 -3.88
N THR D 293 -27.52 -31.53 -2.95
CA THR D 293 -27.44 -31.81 -1.52
C THR D 293 -28.49 -32.86 -1.07
N LYS D 294 -29.59 -32.94 -1.80
CA LYS D 294 -30.64 -33.94 -1.50
C LYS D 294 -30.26 -35.36 -1.91
N THR D 295 -29.74 -35.53 -3.13
CA THR D 295 -29.32 -36.87 -3.62
C THR D 295 -27.89 -37.18 -3.19
N LYS D 296 -27.16 -36.17 -2.72
CA LYS D 296 -25.80 -36.36 -2.21
C LYS D 296 -24.84 -36.85 -3.29
N GLN D 297 -24.97 -36.25 -4.47
CA GLN D 297 -24.28 -36.69 -5.68
C GLN D 297 -23.85 -35.47 -6.49
N ARG D 298 -22.67 -35.55 -7.11
CA ARG D 298 -22.23 -34.50 -8.00
C ARG D 298 -23.08 -34.50 -9.24
N VAL D 299 -23.51 -33.32 -9.67
CA VAL D 299 -24.28 -33.13 -10.90
C VAL D 299 -23.50 -32.34 -11.94
N ALA D 300 -22.33 -31.80 -11.56
CA ALA D 300 -21.51 -31.07 -12.53
C ALA D 300 -20.12 -30.75 -12.03
N ARG D 301 -19.24 -30.51 -12.98
CA ARG D 301 -17.88 -30.14 -12.68
C ARG D 301 -17.38 -29.26 -13.79
N ILE D 302 -16.77 -28.14 -13.42
CA ILE D 302 -16.18 -27.27 -14.42
C ILE D 302 -14.81 -26.87 -13.93
N PRO D 303 -13.99 -26.35 -14.86
CA PRO D 303 -12.63 -25.91 -14.51
C PRO D 303 -12.70 -24.73 -13.53
N GLY D 304 -11.84 -24.73 -12.52
CA GLY D 304 -11.98 -23.77 -11.44
C GLY D 304 -11.27 -22.43 -11.60
N ARG D 305 -10.45 -22.30 -12.64
CA ARG D 305 -9.69 -21.09 -12.93
C ARG D 305 -8.94 -20.59 -11.71
N ASP D 306 -8.35 -21.51 -10.95
CA ASP D 306 -7.53 -21.16 -9.77
C ASP D 306 -8.27 -20.34 -8.71
N ALA D 307 -9.58 -20.46 -8.63
CA ALA D 307 -10.34 -19.69 -7.67
C ALA D 307 -10.11 -20.17 -6.25
N LEU D 308 -10.30 -19.24 -5.31
CA LEU D 308 -10.08 -19.48 -3.90
C LEU D 308 -11.32 -19.20 -3.07
N SER D 309 -12.12 -18.24 -3.51
CA SER D 309 -13.32 -17.80 -2.82
C SER D 309 -14.47 -17.59 -3.81
N MET D 310 -15.69 -17.70 -3.29
CA MET D 310 -16.89 -17.55 -4.10
C MET D 310 -17.96 -16.89 -3.28
N THR D 311 -19.00 -16.45 -3.98
CA THR D 311 -20.25 -16.02 -3.36
C THR D 311 -21.37 -16.31 -4.35
N ILE D 312 -22.60 -16.42 -3.83
CA ILE D 312 -23.74 -16.77 -4.65
C ILE D 312 -24.82 -15.70 -4.55
N ASP D 313 -25.41 -15.34 -5.69
CA ASP D 313 -26.61 -14.55 -5.68
C ASP D 313 -27.80 -15.45 -5.94
N GLN D 314 -28.69 -15.55 -4.95
CA GLN D 314 -29.86 -16.42 -5.04
C GLN D 314 -30.85 -15.96 -6.11
N GLN D 315 -31.09 -14.66 -6.17
CA GLN D 315 -32.11 -14.07 -7.02
C GLN D 315 -31.76 -14.12 -8.51
N ARG D 316 -30.54 -13.76 -8.84
CA ARG D 316 -30.16 -13.71 -10.24
C ARG D 316 -29.50 -15.01 -10.69
N ASN D 317 -29.36 -15.97 -9.78
CA ASN D 317 -28.72 -17.24 -10.07
C ASN D 317 -27.30 -17.07 -10.58
N LEU D 318 -26.49 -16.41 -9.78
CA LEU D 318 -25.11 -16.10 -10.11
C LEU D 318 -24.16 -16.63 -9.05
N MET D 319 -23.00 -17.06 -9.52
CA MET D 319 -21.87 -17.36 -8.65
C MET D 319 -20.71 -16.47 -9.10
N LEU D 320 -20.02 -15.84 -8.14
CA LEU D 320 -18.76 -15.16 -8.43
C LEU D 320 -17.68 -16.00 -7.88
N THR D 321 -16.55 -16.07 -8.58
CA THR D 321 -15.35 -16.70 -8.04
C THR D 321 -14.21 -15.71 -8.14
N LEU D 322 -13.21 -15.95 -7.30
CA LEU D 322 -12.14 -14.99 -7.05
C LEU D 322 -10.87 -15.78 -6.79
N ASP D 323 -9.83 -15.46 -7.56
CA ASP D 323 -8.54 -16.17 -7.47
C ASP D 323 -7.50 -15.39 -6.65
N GLY D 324 -7.95 -14.29 -6.06
CA GLY D 324 -7.08 -13.34 -5.39
C GLY D 324 -7.00 -11.98 -6.03
N GLY D 325 -7.17 -11.94 -7.34
CA GLY D 325 -7.06 -10.73 -8.12
C GLY D 325 -8.13 -10.51 -9.17
N ASN D 326 -8.72 -11.59 -9.67
CA ASN D 326 -9.63 -11.55 -10.79
C ASN D 326 -10.90 -12.16 -10.29
N VAL D 327 -12.03 -11.63 -10.77
CA VAL D 327 -13.34 -12.15 -10.46
C VAL D 327 -13.99 -12.73 -11.68
N ASN D 328 -14.50 -13.95 -11.52
CA ASN D 328 -15.27 -14.61 -12.56
C ASN D 328 -16.75 -14.63 -12.21
N VAL D 329 -17.58 -14.37 -13.20
CA VAL D 329 -19.02 -14.34 -13.07
C VAL D 329 -19.61 -15.54 -13.80
N TYR D 330 -20.36 -16.36 -13.07
CA TYR D 330 -21.00 -17.53 -13.60
C TYR D 330 -22.51 -17.43 -13.48
N ASP D 331 -23.18 -17.83 -14.55
CA ASP D 331 -24.61 -18.09 -14.54
C ASP D 331 -24.78 -19.52 -14.01
N ILE D 332 -25.52 -19.66 -12.91
CA ILE D 332 -25.74 -20.98 -12.29
C ILE D 332 -27.23 -21.35 -12.28
N SER D 333 -28.00 -20.80 -13.22
CA SER D 333 -29.43 -21.17 -13.33
C SER D 333 -29.65 -22.64 -13.73
N GLN D 334 -28.64 -23.27 -14.35
CA GLN D 334 -28.64 -24.70 -14.67
C GLN D 334 -27.54 -25.40 -13.88
N PRO D 335 -27.62 -26.74 -13.74
CA PRO D 335 -26.61 -27.48 -12.98
C PRO D 335 -25.17 -27.22 -13.40
N GLU D 336 -24.90 -27.21 -14.70
CA GLU D 336 -23.58 -26.82 -15.13
C GLU D 336 -23.46 -25.29 -15.20
N PRO D 337 -22.56 -24.69 -14.41
CA PRO D 337 -22.37 -23.23 -14.48
C PRO D 337 -21.79 -22.77 -15.83
N LYS D 338 -22.20 -21.60 -16.32
CA LYS D 338 -21.69 -21.06 -17.57
C LYS D 338 -20.91 -19.80 -17.27
N LEU D 339 -19.64 -19.76 -17.64
CA LEU D 339 -18.82 -18.56 -17.39
C LEU D 339 -19.31 -17.42 -18.27
N LEU D 340 -19.52 -16.24 -17.69
CA LEU D 340 -20.06 -15.08 -18.41
C LEU D 340 -18.93 -14.08 -18.74
N ARG D 341 -18.10 -13.78 -17.75
CA ARG D 341 -16.98 -12.87 -18.00
C ARG D 341 -16.05 -12.92 -16.85
N THR D 342 -14.84 -12.42 -17.08
CA THR D 342 -13.87 -12.24 -16.02
C THR D 342 -13.52 -10.76 -15.88
N ILE D 343 -13.42 -10.32 -14.64
CA ILE D 343 -12.96 -8.99 -14.29
C ILE D 343 -11.51 -9.09 -13.82
N GLU D 344 -10.58 -8.70 -14.68
CA GLU D 344 -9.18 -8.82 -14.34
C GLU D 344 -8.75 -7.66 -13.47
N GLY D 345 -7.87 -7.94 -12.51
CA GLY D 345 -7.24 -6.89 -11.70
C GLY D 345 -8.22 -6.16 -10.82
N ALA D 346 -9.23 -6.88 -10.34
CA ALA D 346 -10.20 -6.31 -9.42
C ALA D 346 -9.61 -6.01 -8.05
N ALA D 347 -8.54 -6.73 -7.71
CA ALA D 347 -7.85 -6.55 -6.46
C ALA D 347 -6.41 -7.02 -6.57
N GLU D 348 -5.58 -6.66 -5.60
CA GLU D 348 -4.22 -7.18 -5.49
C GLU D 348 -4.19 -8.44 -4.65
N ALA D 349 -5.03 -8.49 -3.61
CA ALA D 349 -4.99 -9.59 -2.67
C ALA D 349 -6.35 -9.70 -1.99
N SER D 350 -7.31 -10.30 -2.69
CA SER D 350 -8.66 -10.38 -2.16
C SER D 350 -9.11 -11.81 -2.09
N LEU D 351 -9.64 -12.18 -0.93
CA LEU D 351 -10.19 -13.51 -0.76
C LEU D 351 -11.67 -13.42 -0.43
N GLN D 352 -12.28 -12.27 -0.72
CA GLN D 352 -13.71 -12.13 -0.47
C GLN D 352 -14.37 -11.17 -1.43
N VAL D 353 -15.45 -11.65 -2.05
CA VAL D 353 -16.31 -10.81 -2.90
C VAL D 353 -17.74 -11.03 -2.43
N GLN D 354 -18.56 -9.97 -2.50
CA GLN D 354 -19.95 -10.02 -2.07
C GLN D 354 -20.84 -9.21 -3.00
N PHE D 355 -22.04 -9.72 -3.26
CA PHE D 355 -23.08 -8.97 -3.97
C PHE D 355 -23.71 -7.92 -3.08
N HIS D 356 -24.10 -6.81 -3.69
CA HIS D 356 -25.03 -5.87 -3.06
C HIS D 356 -26.36 -6.63 -2.95
N PRO D 357 -27.02 -6.62 -1.79
CA PRO D 357 -28.35 -7.30 -1.71
C PRO D 357 -29.42 -6.61 -2.55
N VAL D 358 -30.32 -7.37 -3.18
CA VAL D 358 -31.35 -6.76 -4.07
C VAL D 358 -32.74 -7.31 -3.81
#